data_4V5X
#
_entry.id   4V5X
#
_cell.length_a   1.000
_cell.length_b   1.000
_cell.length_c   1.000
_cell.angle_alpha   90.00
_cell.angle_beta   90.00
_cell.angle_gamma   90.00
#
_symmetry.space_group_name_H-M   'P 1'
#
loop_
_entity.id
_entity.type
_entity.pdbx_description
1 polymer 'SCAFFOLD STRAND,SCAFFOLD STRAND'
2 polymer 'STAPLE STRAND'
3 polymer 'STAPLE STRAND'
4 polymer 'STAPLE STRAND'
5 polymer 'STAPLE STRAND'
6 polymer 'STAPLE STRAND'
7 polymer 'STAPLE STRAND'
8 polymer 'STAPLE STRAND'
9 polymer 'STAPLE STRAND'
10 polymer 'STAPLE STRAND'
11 polymer 'STAPLE STRAND'
12 polymer 'STAPLE STRAND'
13 polymer 'STAPLE STRAND'
14 polymer 'STAPLE STRAND'
15 polymer 'STAPLE STRAND'
16 polymer 'STAPLE STRAND'
17 polymer 'STAPLE STRAND'
18 polymer 'STAPLE STRAND'
19 polymer 'STAPLE STRAND'
20 polymer 'STAPLE STRAND'
21 polymer 'STAPLE STRAND'
22 polymer 'STAPLE STRAND'
23 polymer 'STAPLE STRAND'
24 polymer 'STAPLE STRAND'
25 polymer 'STAPLE STRAND'
26 polymer 'STAPLE STRAND'
27 polymer 'STAPLE STRAND'
28 polymer 'STAPLE STRAND'
29 polymer 'STAPLE STRAND'
30 polymer 'STAPLE STRAND'
31 polymer 'STAPLE STRAND'
32 polymer 'STAPLE STRAND'
33 polymer 'STAPLE STRAND'
34 polymer 'STAPLE STRAND'
35 polymer 'STAPLE STRAND'
36 polymer 'STAPLE STRAND'
37 polymer 'STAPLE STRAND'
38 polymer 'STAPLE STRAND'
39 polymer 'STAPLE STRAND'
40 polymer 'STAPLE STRAND'
41 polymer 'STAPLE STRAND'
42 polymer 'STAPLE STRAND'
43 polymer 'STAPLE STRAND'
44 polymer 'STAPLE STRAND'
45 polymer 'STAPLE STRAND'
46 polymer 'STAPLE STRAND'
47 polymer 'STAPLE STRAND'
48 polymer 'STAPLE STRAND'
49 polymer 'STAPLE STRAND'
50 polymer 'STAPLE STRAND'
51 polymer 'STAPLE STRAND'
52 polymer 'STAPLE STRAND'
53 polymer 'STAPLE STRAND'
54 polymer 'STAPLE STRAND'
55 polymer 'STAPLE STRAND'
56 polymer 'STAPLE STRAND'
57 polymer 'STAPLE STRAND'
58 polymer 'STAPLE STRAND'
59 polymer 'STAPLE STRAND'
60 polymer 'STAPLE STRAND'
61 polymer 'STAPLE STRAND'
62 polymer 'STAPLE STRAND'
63 polymer 'STAPLE STRAND'
64 polymer 'STAPLE STRAND'
65 polymer 'STAPLE STRAND'
66 polymer 'STAPLE STRAND'
67 polymer 'STAPLE STRAND'
68 polymer 'STAPLE STRAND'
69 polymer 'STAPLE STRAND'
70 polymer 'STAPLE STRAND'
71 polymer 'STAPLE STRAND'
72 polymer 'STAPLE STRAND'
73 polymer 'STAPLE STRAND'
74 polymer 'STAPLE STRAND'
75 polymer 'STAPLE STRAND'
76 polymer 'STAPLE STRAND'
77 polymer 'STAPLE STRAND'
78 polymer 'STAPLE STRAND'
79 polymer 'STAPLE STRAND'
80 polymer 'STAPLE STRAND'
81 polymer 'STAPLE STRAND'
82 polymer 'STAPLE STRAND'
83 polymer 'STAPLE STRAND'
84 polymer 'STAPLE STRAND'
85 polymer 'STAPLE STRAND'
86 polymer 'STAPLE STRAND'
87 polymer 'STAPLE STRAND'
88 polymer 'STAPLE STRAND'
89 polymer 'STAPLE STRAND'
90 polymer 'STAPLE STRAND'
91 polymer 'STAPLE STRAND'
92 polymer 'STAPLE STRAND'
93 polymer 'STAPLE STRAND'
94 polymer 'STAPLE STRAND'
95 polymer 'STAPLE STRAND'
96 polymer 'STAPLE STRAND'
97 polymer 'STAPLE STRAND'
98 polymer 'STAPLE STRAND'
99 polymer 'STAPLE STRAND'
100 polymer 'STAPLE STRAND'
101 polymer 'STAPLE STRAND'
102 polymer 'STAPLE STRAND'
103 polymer 'STAPLE STRAND'
104 polymer 'STAPLE STRAND'
105 polymer 'STAPLE STRAND'
106 polymer 'STAPLE STRAND'
107 polymer 'STAPLE STRAND'
108 polymer 'STAPLE STRAND'
109 polymer 'STAPLE STRAND'
110 polymer 'STAPLE STRAND'
111 polymer 'STAPLE STRAND'
112 polymer 'STAPLE STRAND'
113 polymer 'STAPLE STRAND'
114 polymer 'STAPLE STRAND'
115 polymer 'STAPLE STRAND'
116 polymer 'STAPLE STRAND'
117 polymer 'STAPLE STRAND'
118 polymer 'STAPLE STRAND'
119 polymer 'STAPLE STRAND'
120 polymer 'STAPLE STRAND'
121 polymer 'STAPLE STRAND'
122 polymer 'STAPLE STRAND'
123 polymer 'STAPLE STRAND'
124 polymer 'STAPLE STRAND'
125 polymer 'STAPLE STRAND'
126 polymer 'STAPLE STRAND'
127 polymer 'STAPLE STRAND'
128 polymer 'STAPLE STRAND'
129 polymer 'STAPLE STRAND'
130 polymer 'STAPLE STRAND'
131 polymer 'STAPLE STRAND'
132 polymer 'STAPLE STRAND'
133 polymer 'STAPLE STRAND'
134 polymer 'STAPLE STRAND'
135 polymer 'STAPLE STRAND'
136 polymer 'STAPLE STRAND'
137 polymer 'STAPLE STRAND'
138 polymer 'STAPLE STRAND'
139 polymer 'STAPLE STRAND'
140 polymer 'STAPLE STRAND'
141 polymer 'STAPLE STRAND'
142 polymer 'STAPLE STRAND'
143 polymer 'STAPLE STRAND'
144 polymer 'STAPLE STRAND'
145 polymer 'STAPLE STRAND'
146 polymer 'STAPLE STRAND'
147 polymer 'STAPLE STRAND'
148 polymer 'STAPLE STRAND'
149 polymer 'STAPLE STRAND'
150 polymer 'STAPLE STRAND'
151 polymer 'STAPLE STRAND'
152 polymer 'STAPLE STRAND'
153 polymer 'STAPLE STRAND'
154 polymer 'STAPLE STRAND'
155 polymer 'STAPLE STRAND'
156 polymer 'STAPLE STRAND'
157 polymer 'STAPLE STRAND'
158 polymer 'STAPLE STRAND'
159 polymer 'STAPLE STRAND'
160 polymer 'STAPLE STRAND'
161 polymer 'STAPLE STRAND'
162 polymer 'STAPLE STRAND'
#
loop_
_entity_poly.entity_id
_entity_poly.type
_entity_poly.pdbx_seq_one_letter_code
_entity_poly.pdbx_strand_id
1 'polydeoxyribonucleotide'
;(DT)(DG)(DA)(DT)(DA)(DG)(DA)(DC)(DG)(DG)(DT)(DT)(DT)(DT)(DT)(DC)(DG)(DC)(DC)(DC)
(DT)(DT)(DT)(DG)(DA)(DC)(DG)(DT)(DT)(DG)(DG)(DA)(DG)(DT)(DC)(DC)(DA)(DC)(DG)(DT)
(DT)(DC)(DT)(DT)(DT)(DA)(DA)(DT)(DA)(DG)(DT)(DG)(DG)(DA)(DC)(DT)(DC)(DT)(DT)(DG)
(DT)(DT)(DC)(DC)(DA)(DA)(DA)(DC)(DT)(DG)(DG)(DA)(DA)(DC)(DA)(DA)(DC)(DA)(DC)(DT)
(DC)(DA)(DA)(DC)(DC)(DC)(DT)(DA)(DT)(DC)(DT)(DC)(DG)(DG)(DG)(DC)(DT)(DA)(DT)(DT)
(DC)(DT)(DT)(DT)(DT)(DG)(DA)(DT)(DT)(DT)(DA)(DT)(DA)(DA)(DG)(DG)(DG)(DA)(DT)(DT)
(DT)(DT)(DG)(DC)(DC)(DG)(DA)(DT)(DT)(DT)(DC)(DG)(DG)(DA)(DA)(DC)(DC)(DA)(DC)(DC)
(DA)(DT)(DC)(DA)(DA)(DA)(DC)(DA)(DG)(DG)(DA)(DT)(DT)(DT)(DT)(DC)(DG)(DC)(DC)(DT)
(DG)(DC)(DT)(DG)(DG)(DG)(DG)(DC)(DA)(DA)(DA)(DC)(DC)(DA)(DG)(DC)(DG)(DT)(DG)(DG)
(DA)(DC)(DC)(DG)(DC)(DT)(DT)(DG)(DC)(DT)(DG)(DC)(DA)(DA)(DC)(DT)(DC)(DT)(DC)(DT)
(DC)(DA)(DG)(DG)(DG)(DC)(DC)(DA)(DG)(DG)(DC)(DG)(DG)(DT)(DG)(DA)(DA)(DG)(DG)(DG)
(DC)(DA)(DA)(DT)(DC)(DA)(DG)(DC)(DT)(DG)(DT)(DT)(DG)(DC)(DC)(DC)(DG)(DT)(DC)(DT)
(DC)(DA)(DC)(DT)(DG)(DG)(DT)(DG)(DA)(DA)(DA)(DA)(DG)(DA)(DA)(DA)(DA)(DA)(DC)(DC)
(DA)(DC)(DC)(DC)(DT)(DG)(DG)(DC)(DG)(DC)(DC)(DC)(DA)(DA)(DT)(DA)(DC)(DG)(DC)(DA)
(DA)(DA)(DC)(DC)(DG)(DC)(DC)(DT)(DC)(DT)(DC)(DC)(DC)(DC)(DG)(DC)(DG)(DC)(DG)(DT)
(DT)(DG)(DG)(DC)(DC)(DG)(DA)(DT)(DT)(DC)(DA)(DT)(DT)(DA)(DA)(DT)(DG)(DC)(DA)(DG)
(DC)(DT)(DG)(DG)(DC)(DA)(DC)(DG)(DA)(DC)(DA)(DG)(DG)(DT)(DT)(DT)(DC)(DC)(DC)(DG)
(DA)(DC)(DT)(DG)(DG)(DA)(DA)(DA)(DG)(DC)(DG)(DG)(DG)(DC)(DA)(DG)(DT)(DG)(DA)(DG)
(DC)(DG)(DC)(DA)(DA)(DC)(DG)(DC)(DA)(DA)(DT)(DT)(DA)(DA)(DT)(DG)(DT)(DG)(DA)(DG)
(DT)(DT)(DA)(DG)(DC)(DT)(DC)(DA)(DC)(DT)(DC)(DA)(DT)(DT)(DA)(DG)(DG)(DC)(DA)(DC)
(DC)(DC)(DC)(DA)(DG)(DG)(DC)(DT)(DT)(DT)(DA)(DC)(DA)(DC)(DT)(DT)(DT)(DA)(DT)(DG)
(DC)(DT)(DT)(DC)(DC)(DG)(DG)(DC)(DT)(DC)(DG)(DT)(DA)(DT)(DG)(DT)(DT)(DG)(DT)(DG)
(DT)(DG)(DG)(DA)(DA)(DT)(DT)(DG)(DT)(DG)(DA)(DG)(DC)(DG)(DG)(DA)(DT)(DA)(DA)(DC)
(DA)(DA)(DT)(DT)(DT)(DC)(DA)(DC)(DA)(DC)(DA)(DG)(DG)(DA)(DA)(DA)(DC)(DA)(DG)(DC)
(DT)(DA)(DT)(DG)(DA)(DC)(DC)(DA)(DT)(DG)(DA)(DT)(DT)(DA)(DC)(DG)(DA)(DA)(DT)(DT)
(DC)(DG)(DA)(DG)(DC)(DT)(DC)(DG)(DG)(DT)(DA)(DC)(DC)(DC)(DG)(DG)(DG)(DG)(DA)(DT)
(DC)(DC)(DT)(DC)(DT)(DA)(DG)(DA)(DG)(DT)(DC)(DG)(DA)(DC)(DC)(DT)(DG)(DC)(DA)(DG)
(DG)(DC)(DA)(DT)(DG)(DC)(DA)(DA)(DG)(DC)(DT)(DT)(DG)(DG)(DC)(DA)(DC)(DT)(DG)(DG)
(DC)(DC)(DG)(DT)(DC)(DG)(DT)(DT)(DT)(DT)(DA)(DC)(DA)(DA)(DC)(DG)(DT)(DC)(DG)(DT)
(DG)(DA)(DC)(DT)(DG)(DG)(DG)(DA)(DA)(DA)(DA)(DC)(DC)(DC)(DT)(DG)(DG)(DC)(DG)(DT)
(DT)(DA)(DC)(DC)(DC)(DA)(DA)(DC)(DT)(DT)(DA)(DA)(DT)(DC)(DG)(DC)(DC)(DT)(DT)(DG)
(DC)(DA)(DG)(DC)(DA)(DC)(DA)(DT)(DC)(DC)(DC)(DC)(DC)(DT)(DT)(DT)(DC)(DG)(DC)(DC)
(DA)(DG)(DC)(DT)(DG)(DG)(DC)(DG)(DT)(DA)(DA)(DT)(DA)(DG)(DC)(DG)(DA)(DA)(DG)(DA)
(DG)(DG)(DC)(DC)(DC)(DG)(DC)(DA)(DC)(DC)(DG)(DA)(DT)(DC)(DG)(DC)(DC)(DC)(DT)(DT)
(DC)(DC)(DC)(DA)(DA)(DC)(DA)(DG)(DT)(DT)(DG)(DC)(DG)(DC)(DA)(DG)(DC)(DC)(DT)(DG)
(DA)(DA)(DT)(DG)(DG)(DC)(DG)(DA)(DA)(DT)(DG)(DG)(DC)(DG)(DC)(DT)(DT)(DT)(DG)(DC)
(DC)(DT)(DG)(DG)(DT)(DT)(DT)(DC)(DC)(DG)(DG)(DC)(DA)(DC)(DC)(DA)(DG)(DA)(DA)(DG)
(DC)(DG)(DG)(DT)(DG)(DC)(DC)(DG)(DG)(DA)(DA)(DA)(DG)(DC)(DT)(DG)(DG)(DC)(DT)(DG)
(DG)(DA)(DG)(DT)(DG)(DC)(DG)(DA)(DT)(DC)(DT)(DT)(DC)(DC)(DT)(DG)(DA)(DG)(DG)(DC)
(DC)(DG)(DA)(DT)(DA)(DC)(DT)(DG)(DT)(DC)(DG)(DT)(DC)(DG)(DT)(DC)(DC)(DC)(DC)(DT)
(DC)(DA)(DA)(DA)(DC)(DT)(DG)(DG)(DC)(DA)(DG)(DA)(DT)(DG)(DC)(DA)(DC)(DG)(DG)(DT)
(DT)(DA)(DC)(DG)(DA)(DT)(DG)(DC)(DG)(DC)(DC)(DC)(DA)(DT)(DC)(DT)(DA)(DC)(DA)(DC)
(DC)(DA)(DA)(DC)(DG)(DT)(DG)(DA)(DC)(DC)(DT)(DA)(DT)(DC)(DC)(DC)(DA)(DT)(DT)(DA)
(DC)(DG)(DG)(DT)(DC)(DA)(DA)(DT)(DC)(DC)(DG)(DC)(DC)(DG)(DT)(DT)(DT)(DG)(DT)(DT)
(DC)(DC)(DC)(DA)(DC)(DG)(DG)(DA)(DG)(DA)(DA)(DT)(DC)(DC)(DG)(DA)(DC)(DG)(DG)(DG)
(DT)(DT)(DG)(DT)(DT)(DA)(DC)(DT)(DC)(DG)(DC)(DT)(DC)(DA)(DC)(DA)(DT)(DT)(DT)(DA)
(DA)(DT)(DG)(DT)(DT)(DG)(DA)(DT)(DG)(DA)(DA)(DA)(DG)(DC)(DT)(DG)(DG)(DC)(DT)(DA)
(DC)(DA)(DG)(DG)(DA)(DA)(DG)(DG)(DC)(DC)(DA)(DG)(DA)(DC)(DG)(DC)(DG)(DA)(DA)(DT)
(DT)(DA)(DT)(DT)(DT)(DT)(DT)(DG)(DA)(DT)(DG)(DG)(DC)(DG)(DT)(DT)(DC)(DC)(DT)(DA)
(DT)(DT)(DG)(DG)(DT)(DT)(DA)(DA)(DA)(DA)(DA)(DA)(DT)(DG)(DA)(DG)(DC)(DT)(DG)(DA)
(DT)(DT)(DT)(DA)(DA)(DC)(DA)(DA)(DA)(DA)(DA)(DT)(DT)(DT)(DA)(DA)(DT)(DG)(DC)(DG)
(DA)(DA)(DT)(DT)(DT)(DT)(DA)(DA)(DC)(DA)(DA)(DA)(DA)(DT)(DA)(DT)(DT)(DA)(DA)(DC)
(DG)(DT)(DT)(DT)(DA)(DC)(DA)(DA)(DT)(DT)(DT)(DA)(DA)(DA)(DT)(DA)(DT)(DT)(DT)(DG)
(DC)(DT)(DT)(DA)(DT)(DA)(DC)(DA)(DA)(DT)(DC)(DT)(DT)(DC)(DC)(DT)(DG)(DT)(DT)(DT)
(DT)(DT)(DG)(DG)(DG)(DG)(DC)(DT)(DT)(DT)(DT)(DC)(DT)(DG)(DA)(DT)(DT)(DA)(DT)(DC)
(DA)(DA)(DC)(DC)(DG)(DG)(DG)(DG)(DT)(DA)(DC)(DA)(DT)(DA)(DT)(DG)(DA)(DT)(DT)(DG)
(DA)(DC)(DA)(DT)(DG)(DC)(DT)(DA)(DG)(DT)(DT)(DT)(DT)(DA)(DC)(DG)(DA)(DT)(DT)(DA)
(DC)(DC)(DG)(DT)(DT)(DC)(DA)(DT)(DC)(DG)(DA)(DT)(DT)(DC)(DT)(DC)(DT)(DT)(DG)(DT)
(DT)(DT)(DG)(DC)(DT)(DC)(DC)(DA)(DG)(DA)(DC)(DT)(DC)(DT)(DC)(DA)(DG)(DG)(DC)(DA)
(DA)(DT)(DG)(DA)(DC)(DC)(DT)(DG)(DA)(DT)(DA)(DG)(DC)(DC)(DT)(DT)(DT)(DG)(DT)(DA)
(DG)(DA)(DT)(DC)(DT)(DC)(DT)(DC)(DA)(DA)(DA)(DA)(DA)(DT)(DA)(DG)(DC)(DT)(DA)(DC)
(DC)(DC)(DT)(DC)(DT)(DC)(DC)(DG)(DG)(DC)(DA)(DT)(DT)(DA)(DA)(DT)(DT)(DT)(DA)(DT)
(DC)(DA)(DG)(DC)(DT)(DA)(DG)(DA)(DA)(DC)(DG)(DG)(DT)(DT)(DG)(DA)(DA)(DT)(DA)(DT)
(DC)(DA)(DT)(DA)(DT)(DT)(DG)(DA)(DT)(DG)(DG)(DT)(DG)(DA)(DT)(DT)(DT)(DG)(DA)(DC)
(DT)(DG)(DT)(DC)(DT)(DC)(DC)(DG)(DG)(DC)(DC)(DT)(DT)(DT)(DC)(DT)(DC)(DA)(DC)(DC)
(DC)(DT)(DT)(DT)(DT)(DG)(DA)(DA)(DT)(DC)(DT)(DT)(DT)(DA)(DC)(DC)(DT)(DA)(DC)(DA)
(DC)(DA)(DT)(DT)(DA)(DC)(DT)(DC)(DA)(DG)(DG)(DC)(DA)(DT)(DT)(DG)(DC)(DA)(DT)(DT)
(DT)(DA)(DA)(DA)(DA)(DT)(DA)(DT)(DA)(DT)(DG)(DA)(DG)(DG)(DG)(DT)(DT)(DC)(DT)(DA)
(DA)(DA)(DA)(DA)(DT)(DT)(DT)(DT)(DT)(DA)(DT)(DC)(DC)(DT)(DT)(DG)(DC)(DG)(DT)(DT)
(DG)(DA)(DA)(DA)(DT)(DA)(DA)(DA)(DG)(DG)(DC)(DT)(DT)(DC)(DT)(DC)(DC)(DC)(DG)(DC)
(DA)(DA)(DA)(DA)(DG)(DT)(DA)(DT)(DT)(DA)(DC)(DA)(DG)(DG)(DG)(DT)(DC)(DA)(DT)(DA)
(DA)(DT)(DG)(DT)(DT)(DT)(DT)(DT)(DG)(DG)(DT)(DA)(DC)(DA)(DA)(DC)(DC)(DG)(DA)(DT)
(DT)(DT)(DA)(DG)(DC)(DT)(DT)(DT)(DA)(DT)(DG)(DC)(DT)(DC)(DT)(DG)(DA)(DG)(DG)(DC)
(DT)(DT)(DT)(DA)(DT)(DT)(DG)(DC)(DT)(DT)(DA)(DA)(DT)(DT)(DT)(DT)(DG)(DC)(DT)(DA)
(DA)(DT)(DT)(DC)(DT)(DT)(DT)(DG)(DC)(DC)(DT)(DT)(DG)(DC)(DC)(DT)(DG)(DT)(DA)(DT)
(DG)(DA)(DT)(DT)(DT)(DA)(DT)(DT)(DG)(DG)(DA)(DT)(DG)(DT)(DT)(DA)(DA)(DT)(DG)(DC)
(DT)(DA)(DC)(DT)(DA)(DC)(DT)(DA)(DT)(DT)(DA)(DG)(DT)(DA)(DG)(DA)(DA)(DT)(DT)(DG)
(DA)(DT)(DG)(DC)(DC)(DA)(DC)(DC)(DT)(DT)(DT)(DT)(DC)(DA)(DG)(DC)(DT)(DC)(DG)(DC)
(DG)(DC)(DC)(DC)(DC)(DA)(DA)(DA)(DT)(DG)(DA)(DA)(DA)(DA)(DT)(DA)(DT)(DA)(DG)(DC)
(DT)(DA)(DA)(DA)(DC)(DA)(DG)(DG)(DT)(DT)(DA)(DT)(DT)(DG)(DA)(DC)(DC)(DA)(DT)(DT)
(DT)(DG)(DC)(DG)(DA)(DA)(DA)(DT)(DG)(DT)(DA)(DT)(DC)(DT)(DA)(DA)(DT)(DG)(DG)(DT)
(DC)(DA)(DA)(DA)(DC)(DT)(DA)(DA)(DA)(DT)(DC)(DT)(DA)(DC)(DT)(DC)(DG)(DT)(DT)(DC)
(DG)(DC)(DA)(DG)(DA)(DA)(DT)(DT)(DG)(DG)(DG)(DA)(DA)(DT)(DC)(DA)(DA)(DC)(DT)(DG)
(DT)(DT)(DA)(DT)(DA)(DT)(DG)(DG)(DA)(DA)(DT)(DG)(DA)(DA)(DA)(DC)(DT)(DT)(DC)(DC)
(DA)(DG)(DA)(DC)(DA)(DC)(DC)(DG)(DT)(DA)(DC)(DT)(DT)(DT)(DA)(DG)(DT)(DT)(DG)(DC)
(DA)(DT)(DA)(DT)(DT)(DT)(DA)(DA)(DA)(DA)(DC)(DA)(DT)(DG)(DT)(DT)(DG)(DA)(DG)(DC)
(DT)(DA)(DC)(DA)(DG)(DC)(DA)(DT)(DT)(DA)(DT)(DA)(DT)(DT)(DC)(DA)(DG)(DC)(DA)(DA)
(DT)(DT)(DA)(DA)(DG)(DC)(DT)(DC)(DT)(DA)(DA)(DG)(DC)(DC)(DA)(DT)(DC)(DC)(DG)(DC)
(DA)(DA)(DA)(DA)(DA)(DT)(DG)(DA)(DC)(DC)(DT)(DC)(DT)(DT)(DA)(DT)(DC)(DA)(DA)(DA)
(DA)(DG)(DG)(DA)(DG)(DC)(DA)(DA)(DT)(DT)(DA)(DA)(DA)(DG)(DG)(DT)(DA)(DC)(DT)(DC)
(DT)(DC)(DT)(DA)(DA)(DT)(DC)(DC)(DT)(DG)(DA)(DC)(DC)(DT)(DG)(DT)(DT)(DG)(DG)(DA)
(DG)(DT)(DT)(DT)(DG)(DC)(DT)(DT)(DC)(DC)(DG)(DG)(DT)(DC)(DT)(DG)(DG)(DT)(DT)(DC)
(DG)(DC)(DT)(DT)(DT)(DG)(DA)(DA)(DG)(DC)(DT)(DC)(DG)(DA)(DA)(DT)(DT)(DA)(DA)(DA)
(DA)(DC)(DG)(DC)(DG)(DA)(DT)(DA)(DT)(DT)(DT)(DG)(DA)(DA)(DG)(DT)(DC)(DT)(DT)(DT)
(DC)(DG)(DG)(DG)(DC)(DT)(DT)(DC)(DC)(DT)(DC)(DT)(DT)(DA)(DA)(DT)(DC)(DT)(DT)(DT)
(DT)(DT)(DG)(DA)(DT)(DG)(DC)(DA)(DA)(DT)(DC)(DC)(DG)(DC)(DT)(DT)(DT)(DG)(DC)(DT)
(DT)(DC)(DT)(DG)(DA)(DC)(DT)(DA)(DT)(DA)(DA)(DT)(DA)(DG)(DT)(DC)(DA)(DG)(DG)(DG)
(DT)(DA)(DA)(DA)(DG)(DA)(DC)(DC)(DT)(DG)(DA)(DT)(DT)(DT)(DT)(DT)(DG)(DA)(DT)(DT)
(DT)(DA)(DT)(DG)(DG)(DT)(DC)(DA)(DT)(DT)(DC)(DT)(DC)(DG)(DT)(DT)(DT)(DT)(DC)(DT)
(DG)(DA)(DA)(DC)(DT)(DG)(DT)(DT)(DT)(DA)(DA)(DA)(DG)(DC)(DA)(DT)(DT)(DT)(DG)(DA)
(DG)(DG)(DG)(DG)(DG)(DA)(DT)(DT)(DC)(DA)(DA)(DT)(DG)(DA)(DA)(DT)(DA)(DT)(DT)(DT)
(DA)(DT)(DG)(DA)(DC)(DG)(DA)(DT)(DT)(DC)(DC)(DG)(DC)(DA)(DG)(DT)(DA)(DT)(DT)(DG)
(DG)(DA)(DC)(DG)(DC)(DT)(DA)(DT)(DC)(DC)(DA)(DG)(DT)(DC)(DT)(DA)(DA)(DA)(DC)(DA)
(DT)(DT)(DT)(DT)(DA)(DC)(DT)(DA)(DT)(DT)(DA)(DC)(DC)(DC)(DC)(DC)(DT)(DC)(DT)(DG)
(DG)(DC)(DA)(DA)(DA)(DA)(DC)(DT)(DT)(DC)(DT)(DT)(DT)(DT)(DG)(DC)(DA)(DA)(DA)(DA)
(DG)(DC)(DC)(DT)(DC)(DT)(DC)(DG)(DC)(DT)(DA)(DT)(DT)(DT)(DT)(DG)(DG)(DT)(DT)(DT)
(DT)(DT)(DA)(DT)(DC)(DG)(DT)(DC)(DG)(DT)(DC)(DT)(DG)(DG)(DT)(DA)(DA)(DA)(DC)(DG)
(DA)(DG)(DG)(DG)(DT)(DT)(DA)(DT)(DG)(DA)(DT)(DA)(DG)(DT)(DG)(DT)(DT)(DG)(DC)(DT)
(DC)(DT)(DT)(DA)(DC)(DT)(DA)(DT)(DG)(DC)(DC)(DT)(DC)(DG)(DT)(DA)(DA)(DT)(DT)(DC)
(DC)(DT)(DT)(DT)(DT)(DG)(DG)(DC)(DG)(DT)(DT)(DA)(DT)(DG)(DT)(DA)(DT)(DC)(DT)(DG)
(DC)(DA)(DT)(DT)(DA)(DG)(DT)(DT)(DG)(DA)(DA)(DT)(DG)(DT)(DG)(DG)(DT)(DA)(DT)(DT)
(DC)(DC)(DT)(DA)(DA)(DA)(DT)(DC)(DT)(DC)(DA)(DA)(DC)(DT)(DG)(DA)(DT)(DG)(DA)(DA)
(DT)(DC)(DT)(DT)(DT)(DC)(DT)(DA)(DC)(DC)(DT)(DG)(DT)(DA)(DA)(DT)(DA)(DA)(DT)(DG)
(DT)(DT)(DG)(DT)(DT)(DC)(DC)(DG)(DT)(DT)(DA)(DG)(DT)(DT)(DC)(DG)(DT)(DT)(DT)(DT)
(DA)(DT)(DT)(DA)(DA)(DC)(DG)(DT)(DA)(DG)(DA)(DT)(DT)(DT)(DT)(DT)(DC)(DT)(DT)(DC)
(DC)(DC)(DA)(DA)(DC)(DG)(DT)(DC)(DC)(DT)(DG)(DA)(DC)(DT)(DG)(DG)(DT)(DA)(DT)(DA)
(DA)(DT)(DG)(DA)(DG)(DC)(DC)(DA)(DG)(DT)(DT)(DC)(DT)(DT)(DA)(DA)(DA)(DA)(DT)(DC)
(DG)(DC)(DA)(DT)(DA)(DA)(DG)(DG)(DT)(DA)(DA)(DT)(DT)(DC)(DA)(DC)(DA)(DA)(DT)(DG)
(DA)(DT)(DT)(DA)(DA)(DA)(DG)(DT)(DT)(DG)(DA)(DA)(DA)(DT)(DT)(DA)(DA)(DA)(DC)(DC)
(DA)(DT)(DC)(DT)(DC)(DA)(DA)(DG)(DC)(DC)(DC)(DA)(DA)(DT)(DT)(DT)(DA)(DC)(DT)(DA)
(DC)(DT)(DC)(DG)(DT)(DT)(DC)(DT)(DG)(DG)(DT)(DG)(DT)(DT)(DT)(DC)(DT)(DC)(DG)(DT)
(DC)(DA)(DG)(DG)(DG)(DC)(DA)(DA)(DG)(DC)(DC)(DT)(DT)(DA)(DT)(DT)(DC)(DA)(DC)(DT)
(DG)(DA)(DA)(DT)(DG)(DA)(DG)(DC)(DA)(DG)(DC)(DT)(DT)(DT)(DG)(DT)(DT)(DA)(DC)(DG)
(DT)(DT)(DG)(DA)(DT)(DT)(DT)(DG)(DG)(DG)(DT)(DA)(DA)(DT)(DG)(DA)(DA)(DT)(DA)(DT)
(DC)(DC)(DG)(DG)(DT)(DT)(DC)(DT)(DT)(DG)(DT)(DC)(DA)(DA)(DG)(DA)(DT)(DT)(DA)(DC)
(DT)(DC)(DT)(DT)(DG)(DA)(DT)(DG)(DA)(DA)(DG)(DG)(DT)(DC)(DA)(DG)(DC)(DC)(DA)(DG)
(DC)(DC)(DT)(DA)(DT)(DG)(DC)(DG)(DC)(DC)(DT)(DG)(DG)(DT)(DC)(DT)(DG)(DT)(DA)(DC)
(DA)(DC)(DC)(DG)(DT)(DT)(DC)(DA)(DT)(DC)(DT)(DG)(DT)(DC)(DC)(DT)(DC)(DT)(DT)(DT)
(DC)(DA)(DA)(DA)(DG)(DT)(DT)(DG)(DG)(DT)(DC)(DA)(DG)(DT)(DT)(DC)(DG)(DG)(DT)(DT)
(DC)(DC)(DC)(DT)(DT)(DA)(DT)(DG)(DA)(DT)(DT)(DG)(DA)(DC)(DC)(DG)(DT)(DC)(DT)(DG)
(DC)(DG)(DC)(DC)(DT)(DC)(DG)(DT)(DT)(DC)(DC)(DG)(DG)(DC)(DT)(DA)(DA)(DG)(DT)(DA)
(DA)(DC)(DA)(DT)(DG)(DG)(DA)(DG)(DC)(DA)(DG)(DG)(DT)(DC)(DG)(DC)(DG)(DG)(DA)(DT)
(DT)(DT)(DC)(DG)(DA)(DC)(DA)(DC)(DA)(DA)(DT)(DT)(DT)(DA)(DT)(DC)(DA)(DG)(DG)(DC)
(DG)(DA)(DT)(DG)(DA)(DT)(DA)(DC)(DA)(DA)(DA)(DT)(DC)(DT)(DC)(DC)(DG)(DT)(DT)(DG)
(DT)(DA)(DC)(DT)(DT)(DT)(DG)(DT)(DT)(DT)(DC)(DG)(DC)(DG)(DC)(DT)(DT)(DG)(DG)(DT)
(DA)(DT)(DA)(DA)(DT)(DC)(DG)(DC)(DT)(DG)(DG)(DG)(DG)(DG)(DT)(DC)(DA)(DA)(DA)(DG)
(DA)(DT)(DG)(DA)(DG)(DT)(DG)(DT)(DT)(DT)(DT)(DA)(DG)(DT)(DG)(DT)(DA)(DT)(DT)(DC)
(DT)(DT)(DT)(DT)(DG)(DC)(DC)(DT)(DC)(DT)(DT)(DT)(DC)(DG)(DT)(DT)(DT)(DT)(DA)(DG)
(DG)(DT)(DT)(DG)(DG)(DT)(DG)(DC)(DC)(DT)(DT)(DC)(DG)(DT)(DA)(DG)(DT)(DG)(DG)(DC)
(DA)(DT)(DT)(DA)(DC)(DG)(DT)(DA)(DT)(DT)(DT)(DT)(DA)(DC)(DC)(DC)(DG)(DT)(DT)(DT)
(DA)(DA)(DT)(DG)(DG)(DA)(DA)(DA)(DC)(DT)(DT)(DC)(DC)(DT)(DC)(DA)(DT)(DG)(DA)(DA)
(DA)(DA)(DA)(DG)(DT)(DC)(DT)(DT)(DT)(DA)(DG)(DT)(DC)(DC)(DT)(DC)(DA)(DA)(DA)(DG)
(DC)(DC)(DT)(DC)(DT)(DG)(DT)(DA)(DG)(DC)(DC)(DG)(DT)(DT)(DG)(DC)(DT)(DA)(DC)(DC)
(DC)(DT)(DC)(DG)(DT)(DT)(DC)(DC)(DG)(DA)(DT)(DG)(DC)(DT)(DG)(DT)(DC)(DT)(DT)(DT)
(DC)(DG)(DC)(DT)(DG)(DC)(DT)(DG)(DA)(DG)(DG)(DG)(DT)(DG)(DA)(DC)(DG)(DA)(DT)(DC)
(DC)(DC)(DG)(DC)(DA)(DA)(DA)(DA)(DG)(DC)(DG)(DG)(DC)(DC)(DT)(DT)(DT)(DA)(DA)(DC)
(DT)(DC)(DC)(DC)(DT)(DG)(DC)(DA)(DA)(DG)(DC)(DC)(DT)(DC)(DA)(DG)(DC)(DG)(DA)(DC)
(DC)(DG)(DA)(DA)(DT)(DA)(DT)(DA)(DT)(DC)(DG)(DG)(DT)(DT)(DA)(DT)(DG)(DC)(DG)(DT)
(DG)(DG)(DG)(DC)(DG)(DA)(DT)(DG)(DG)(DT)(DT)(DG)(DT)(DT)(DG)(DT)(DC)(DA)(DT)(DT)
(DG)(DT)(DC)(DG)(DG)(DC)(DG)(DC)(DA)(DA)(DC)(DT)(DA)(DT)(DC)(DG)(DG)(DT)(DA)(DT)
(DC)(DA)(DA)(DG)(DC)(DT)(DG)(DT)(DT)(DT)(DA)(DA)(DG)(DA)(DA)(DA)(DT)(DT)(DC)(DA)
(DC)(DC)(DT)(DC)(DG)(DA)(DA)(DA)(DG)(DC)(DA)(DA)(DG)(DC)(DT)(DG)(DA)(DT)(DA)(DA)
(DA)(DC)(DC)(DG)(DA)(DT)(DA)(DC)(DA)(DA)(DT)(DT)(DA)(DA)(DA)(DG)(DG)(DC)(DT)(DC)
(DC)(DT)(DT)(DT)(DT)(DG)(DG)(DA)(DG)(DC)(DC)(DT)(DT)(DT)(DT)(DT)(DT)(DT)(DT)(DG)
(DG)(DA)(DG)(DA)(DT)(DT)(DT)(DT)(DC)(DA)(DA)(DC)(DG)(DT)(DG)(DA)(DA)(DA)(DA)(DA)
(DA)(DT)(DT)(DA)(DT)(DT)(DA)(DT)(DT)(DC)(DG)(DC)(DA)(DA)(DT)(DT)(DC)(DC)(DT)(DT)
(DT)(DA)(DG)(DT)(DT)(DG)(DT)(DT)(DC)(DC)(DT)(DT)(DT)(DC)(DT)(DA)(DT)(DT)(DC)(DT)
(DC)(DA)(DC)(DT)(DC)(DC)(DG)(DC)(DT)(DG)(DA)(DA)(DA)(DC)(DT)(DG)(DT)(DT)(DG)(DA)
(DA)(DA)(DG)(DT)(DT)(DG)(DT)(DT)(DT)(DA)(DG)(DC)(DA)(DA)(DA)(DA)(DT)(DC)(DC)(DC)
(DA)(DT)(DA)(DC)(DA)(DG)(DA)(DA)(DA)(DA)(DT)(DT)(DC)(DA)(DT)(DT)(DT)(DA)(DC)(DT)
(DA)(DA)(DC)(DG)(DT)(DC)(DT)(DG)(DG)(DA)(DA)(DA)(DG)(DA)(DC)(DG)(DA)(DC)(DA)(DA)
(DA)(DA)(DC)(DT)(DT)(DT)(DA)(DG)(DA)(DT)(DC)(DG)(DT)(DT)(DA)(DC)(DG)(DC)(DT)(DA)
(DA)(DC)(DT)(DA)(DT)(DG)(DA)(DG)(DG)(DG)(DC)(DT)(DG)(DT)(DC)(DT)(DG)(DT)(DG)(DG)
(DA)(DA)(DT)(DG)(DC)(DT)(DA)(DC)(DA)(DG)(DG)(DC)(DG)(DT)(DT)(DG)(DT)(DA)(DG)(DT)
(DT)(DT)(DG)(DT)(DA)(DC)(DT)(DG)(DG)(DT)(DG)(DA)(DC)(DG)(DA)(DA)(DA)(DC)(DT)(DC)
(DA)(DG)(DT)(DG)(DT)(DT)(DA)(DC)(DG)(DG)(DT)(DA)(DC)(DA)(DT)(DG)(DG)(DG)(DT)(DT)
(DC)(DC)(DT)(DA)(DT)(DT)(DG)(DG)(DG)(DC)(DT)(DT)(DG)(DC)(DT)(DA)(DT)(DC)(DC)(DC)
(DT)(DG)(DA)(DA)(DA)(DA)(DT)(DG)(DA)(DG)(DG)(DG)(DT)(DG)(DG)(DT)(DG)(DG)(DC)(DT)
(DC)(DT)(DG)(DA)(DG)(DG)(DG)(DT)(DG)(DG)(DC)(DG)(DG)(DT)(DT)(DC)(DT)(DG)(DA)(DG)
(DG)(DG)(DT)(DG)(DG)(DC)(DG)(DG)(DT)(DT)(DC)(DT)(DG)(DA)(DG)(DG)(DG)(DT)(DG)(DG)
(DC)(DG)(DG)(DT)(DA)(DC)(DT)(DA)(DA)(DA)(DC)(DC)(DT)(DC)(DC)(DT)(DG)(DA)(DG)(DT)
(DA)(DC)(DG)(DG)(DT)(DG)(DA)(DT)(DA)(DC)(DA)(DC)(DC)(DT)(DA)(DT)(DT)(DC)(DC)(DG)
(DG)(DG)(DC)(DT)(DA)(DT)(DA)(DC)(DT)(DT)(DA)(DT)(DA)(DT)(DC)(DA)(DA)(DC)(DC)(DC)
(DT)(DC)(DT)(DC)(DG)(DA)(DC)(DG)(DG)(DC)(DA)(DC)(DT)(DT)(DA)(DT)(DC)(DC)(DG)(DC)
(DC)(DT)(DG)(DG)(DT)(DA)(DC)(DT)(DG)(DA)(DG)(DC)(DA)(DA)(DA)(DA)(DC)(DC)(DC)(DC)
(DG)(DC)(DT)(DA)(DA)(DT)(DC)(DC)(DT)(DA)(DA)(DT)(DC)(DC)(DT)(DT)(DC)(DT)(DC)(DT)
(DT)(DG)(DA)(DG)(DG)(DA)(DG)(DT)(DC)(DT)(DC)(DA)(DG)(DC)(DC)(DT)(DC)(DT)(DT)(DA)
(DA)(DT)(DA)(DC)(DT)(DT)(DT)(DC)(DA)(DT)(DG)(DT)(DT)(DT)(DC)(DA)(DG)(DA)(DA)(DT)
(DA)(DA)(DT)(DA)(DG)(DG)(DT)(DT)(DC)(DC)(DG)(DA)(DA)(DA)(DT)(DA)(DG)(DG)(DC)(DA)
(DG)(DG)(DG)(DG)(DG)(DC)(DA)(DT)(DT)(DA)(DA)(DC)(DT)(DG)(DT)(DT)(DT)(DA)(DT)(DA)
(DC)(DG)(DG)(DG)(DC)(DA)(DC)(DT)(DG)(DT)(DT)(DA)(DC)(DT)(DC)(DA)(DA)(DG)(DG)(DC)
(DA)(DC)(DT)(DG)(DA)(DC)(DC)(DC)(DC)(DG)(DT)(DT)(DA)(DA)(DA)(DA)(DC)(DT)(DT)(DA)
(DT)(DT)(DA)(DC)(DC)(DA)(DG)(DT)(DA)(DC)(DA)(DC)(DT)(DC)(DC)(DT)(DG)(DT)(DA)(DT)
(DC)(DA)(DT)(DC)(DA)(DA)(DA)(DA)(DG)(DC)(DC)(DA)(DT)(DG)(DT)(DA)(DT)(DG)(DA)(DC)
(DG)(DC)(DT)(DT)(DA)(DC)(DT)(DG)(DG)(DA)(DA)(DC)(DG)(DG)(DT)(DA)(DA)(DA)(DT)(DT)
(DC)(DA)(DG)(DA)(DG)(DA)(DC)(DT)(DG)(DC)(DG)(DC)(DT)(DT)(DT)(DC)(DC)(DA)(DT)(DT)
(DC)(DT)(DG)(DG)(DC)(DT)(DT)(DT)(DA)(DA)(DT)(DG)(DA)(DG)(DG)(DA)(DT)(DT)(DT)(DA)
(DT)(DT)(DT)(DG)(DT)(DT)(DT)(DG)(DT)(DG)(DA)(DA)(DT)(DA)(DT)(DC)(DA)(DA)(DG)(DG)
(DC)(DC)(DA)(DA)(DT)(DC)(DG)(DT)(DC)(DT)(DG)(DA)(DC)(DC)(DT)(DG)(DC)(DC)(DT)(DC)
(DA)(DA)(DC)(DC)(DT)(DC)(DC)(DT)(DG)(DT)(DC)(DA)(DA)(DT)(DG)(DC)(DT)(DG)(DG)(DC)
(DG)(DG)(DC)(DG)(DG)(DC)(DT)(DC)(DT)(DG)(DG)(DT)(DG)(DG)(DT)(DG)(DG)(DT)(DT)(DC)
(DT)(DG)(DG)(DT)(DG)(DG)(DC)(DG)(DG)(DC)(DT)(DC)(DT)(DG)(DA)(DG)(DG)(DG)(DT)(DG)
(DG)(DT)(DG)(DG)(DC)(DT)(DC)(DT)(DG)(DA)(DG)(DG)(DG)(DT)(DG)(DG)(DC)(DG)(DG)(DT)
(DT)(DC)(DT)(DG)(DA)(DG)(DG)(DG)(DT)(DG)(DG)(DC)(DG)(DG)(DC)(DT)(DC)(DT)(DG)(DA)
(DG)(DG)(DG)(DA)(DG)(DG)(DC)(DG)(DG)(DT)(DT)(DC)(DC)(DG)(DG)(DT)(DG)(DG)(DT)(DG)
(DG)(DC)(DT)(DC)(DT)(DG)(DG)(DT)(DT)(DC)(DC)(DG)(DG)(DT)(DG)(DA)(DT)(DT)(DT)(DT)
(DG)(DA)(DT)(DT)(DA)(DT)(DG)(DA)(DA)(DA)(DA)(DG)(DA)(DT)(DG)(DG)(DC)(DA)(DA)(DA)
(DC)(DG)(DC)(DT)(DA)(DA)(DT)(DA)(DA)(DG)(DG)(DG)(DG)(DG)(DC)(DT)(DA)(DT)(DG)(DA)
(DC)(DC)(DG)(DA)(DA)(DA)(DA)(DT)(DG)(DC)(DC)(DG)(DA)(DT)(DG)(DA)(DA)(DA)(DA)(DC)
(DG)(DC)(DG)(DC)(DT)(DA)(DC)(DA)(DG)(DT)(DC)(DT)(DG)(DA)(DC)(DG)(DC)(DT)(DA)(DA)
(DA)(DG)(DG)(DC)(DA)(DA)(DA)(DC)(DT)(DT)(DG)(DA)(DT)(DT)(DC)(DT)(DG)(DT)(DC)(DG)
(DC)(DT)(DA)(DC)(DT)(DG)(DA)(DT)(DT)(DA)(DC)(DG)(DG)(DT)(DG)(DC)(DT)(DG)(DC)(DT)
(DA)(DT)(DC)(DG)(DA)(DT)(DG)(DG)(DT)(DT)(DT)(DC)(DA)(DT)(DT)(DG)(DG)(DT)(DG)(DA)
(DC)(DG)(DT)(DT)(DT)(DC)(DC)(DG)(DG)(DC)(DC)(DT)(DT)(DG)(DC)(DT)(DA)(DA)(DT)(DG)
(DG)(DT)(DA)(DA)(DT)(DG)(DG)(DT)(DG)(DC)(DT)(DA)(DC)(DT)(DG)(DG)(DT)(DG)(DA)(DT)
(DT)(DT)(DT)(DG)(DC)(DT)(DG)(DG)(DC)(DT)(DC)(DT)(DA)(DA)(DT)(DT)(DC)(DC)(DC)(DA)
(DA)(DA)(DT)(DG)(DG)(DC)(DT)(DC)(DA)(DA)(DG)(DT)(DC)(DG)(DG)(DT)(DG)(DA)(DC)(DG)
(DG)(DT)(DG)(DA)(DT)(DA)(DA)(DT)(DT)(DC)(DA)(DC)(DC)(DT)(DT)(DT)(DA)(DA)(DT)(DG)
(DA)(DA)(DT)(DA)(DA)(DT)(DT)(DT)(DC)(DC)(DG)(DT)(DC)(DA)(DA)(DT)(DA)(DT)(DT)(DT)
(DA)(DC)(DC)(DT)(DT)(DC)(DC)(DC)(DT)(DC)(DC)(DC)(DT)(DC)(DA)(DA)(DT)(DC)(DG)(DG)
(DT)(DT)(DG)(DA)(DA)(DT)(DG)(DT)(DC)(DG)(DC)(DC)(DC)(DT)(DT)(DT)(DT)(DG)(DT)(DC)
(DT)(DT)(DT)(DG)(DG)(DC)(DG)(DC)(DT)(DG)(DG)(DT)(DA)(DA)(DA)(DC)(DC)(DA)(DT)(DA)
(DT)(DG)(DA)(DA)(DT)(DT)(DT)(DT)(DC)(DT)(DA)(DT)(DT)(DG)(DA)(DT)(DT)(DG)(DT)(DG)
(DA)(DC)(DA)(DA)(DA)(DA)(DT)(DA)(DA)(DA)(DC)(DT)(DT)(DA)(DT)(DT)(DC)(DC)(DG)(DT)
(DG)(DG)(DT)(DG)(DT)(DC)(DT)(DT)(DT)(DG)(DC)(DG)(DT)(DT)(DT)(DC)(DT)(DT)(DT)(DT)
(DA)(DT)(DA)(DT)(DG)(DT)(DT)(DG)(DC)(DC)(DA)(DC)(DC)(DT)(DT)(DT)(DA)(DT)(DG)(DT)
(DA)(DT)(DG)(DT)(DA)(DT)(DT)(DT)(DT)(DC)(DT)(DA)(DC)(DG)(DT)(DT)(DT)(DG)(DC)(DT)
(DA)(DA)(DC)(DA)(DT)(DA)(DC)(DT)(DG)(DC)(DG)(DT)(DA)(DA)(DT)(DA)(DA)(DG)(DG)(DA)
(DG)(DT)(DC)(DT)(DT)(DA)(DA)(DT)(DC)(DA)(DT)(DG)(DC)(DC)(DA)(DG)(DT)(DT)(DC)(DT)
(DT)(DT)(DT)(DG)(DG)(DG)(DT)(DA)(DT)(DT)(DC)(DC)(DG)(DT)(DT)(DA)(DT)(DT)(DA)(DT)
(DT)(DG)(DC)(DG)(DT)(DT)(DT)(DC)(DC)(DT)(DC)(DG)(DG)(DT)(DT)(DT)(DC)(DC)(DT)(DT)
(DC)(DT)(DG)(DG)(DT)(DA)(DA)(DC)(DT)(DT)(DT)(DG)(DT)(DT)(DC)(DG)(DG)(DC)(DT)(DA)
(DT)(DC)(DT)(DG)(DC)(DT)(DT)(DA)(DC)(DT)(DT)(DT)(DT)(DC)(DT)(DT)(DA)(DA)(DA)(DA)
(DA)(DG)(DG)(DG)(DC)(DT)(DT)(DC)(DG)(DG)(DT)(DA)(DA)(DG)(DA)(DT)(DA)(DG)(DC)(DT)
(DA)(DT)(DT)(DG)(DC)(DT)(DA)(DT)(DT)(DT)(DC)(DA)(DT)(DT)(DG)(DT)(DT)(DT)(DC)(DT)
(DT)(DG)(DC)(DT)(DC)(DT)(DT)(DA)(DT)(DT)(DA)(DT)(DT)(DG)(DG)(DG)(DC)(DT)(DT)(DA)
(DA)(DC)(DT)(DC)(DA)(DA)(DT)(DT)(DC)(DT)(DT)(DG)(DT)(DG)(DG)(DG)(DT)(DT)(DA)(DT)
(DC)(DT)(DC)(DT)(DC)(DT)(DG)(DA)(DT)(DA)(DT)(DT)(DA)(DG)(DC)(DG)(DC)(DT)(DC)(DA)
(DA)(DT)(DT)(DA)(DC)(DC)(DC)(DT)(DC)(DT)(DG)(DA)(DC)(DT)(DT)(DT)(DG)(DT)(DT)(DC)
(DA)(DG)(DG)(DG)(DT)(DG)(DT)(DT)(DC)(DA)(DG)(DT)(DT)(DA)(DA)(DT)(DT)(DC)(DT)(DC)
(DC)(DC)(DG)(DT)(DC)(DT)(DA)(DA)(DT)(DG)(DC)(DG)(DC)(DT)(DT)(DC)(DC)(DC)(DT)(DG)
(DT)(DT)(DT)(DT)(DT)(DA)(DT)(DG)(DT)(DT)(DA)(DT)(DT)(DC)(DT)(DC)(DT)(DC)(DT)(DG)
(DT)(DA)(DA)(DA)(DG)(DG)(DC)(DT)(DG)(DC)(DT)(DA)(DT)(DT)(DT)(DT)(DC)(DA)(DT)(DT)
(DT)(DT)(DT)(DG)(DA)(DC)(DG)(DT)(DT)(DA)(DA)(DA)(DC)(DA)(DA)(DA)(DA)(DA)(DA)(DT)
(DC)(DG)(DT)(DT)(DT)(DC)(DT)(DT)(DA)(DT)(DT)(DT)(DG)(DG)(DA)(DT)(DT)(DG)(DG)(DG)
(DA)(DT)(DA)(DA)(DA)(DT)(DA)(DA)(DT)(DA)(DT)(DG)(DG)(DC)(DT)(DG)(DT)(DT)(DT)(DA)
(DT)(DT)(DT)(DT)(DG)(DT)(DA)(DA)(DC)(DT)(DG)(DG)(DC)(DA)(DA)(DA)(DT)(DT)(DA)(DG)
(DG)(DC)(DT)(DC)(DT)(DG)(DG)(DA)(DA)(DA)(DG)(DA)(DC)(DG)(DC)(DT)(DC)(DG)(DT)(DT)
(DA)(DG)(DC)(DG)(DT)(DT)(DG)(DG)(DT)(DA)(DA)(DG)(DA)(DT)(DT)(DC)(DA)(DG)(DG)(DA)
(DT)(DA)(DA)(DA)(DA)(DT)(DT)(DG)(DT)(DA)(DG)(DC)(DT)(DG)(DG)(DG)(DT)(DG)(DC)(DA)
(DA)(DA)(DA)(DT)(DA)(DG)(DC)(DA)(DA)(DC)(DT)(DA)(DA)(DT)(DC)(DT)(DT)(DG)(DA)(DT)
(DT)(DT)(DA)(DA)(DG)(DG)(DC)(DT)(DT)(DC)(DA)(DA)(DA)(DA)(DC)(DC)(DT)(DC)(DC)(DC)
(DG)(DC)(DA)(DA)(DG)(DT)(DC)(DG)(DG)(DG)(DA)(DG)(DG)(DT)(DT)(DC)(DG)(DC)(DT)(DA)
(DA)(DA)(DA)(DC)(DG)(DC)(DC)(DT)(DC)(DG)(DC)(DG)(DT)(DT)(DC)(DT)(DT)(DA)(DG)(DA)
(DA)(DT)(DA)(DC)(DC)(DG)(DG)(DA)(DT)(DA)(DA)(DG)(DC)(DC)(DT)(DT)(DC)(DT)(DA)(DT)
(DA)(DT)(DC)(DT)(DG)(DA)(DT)(DT)(DT)(DG)(DC)(DT)(DT)(DG)(DC)(DT)(DA)(DT)(DT)(DG)
(DG)(DG)(DC)(DG)(DC)(DG)(DG)(DT)(DA)(DA)(DT)(DG)(DA)(DT)(DT)(DC)(DC)(DT)(DA)(DC)
(DG)(DA)(DT)(DG)(DA)(DA)(DA)(DA)(DT)(DA)(DA)(DA)(DA)(DA)(DC)(DG)(DG)(DC)(DT)(DT)
(DG)(DC)(DT)(DT)(DG)(DT)(DT)(DC)(DT)(DC)(DG)(DA)(DT)(DG)(DA)(DG)(DT)(DG)(DC)(DG)
(DG)(DT)(DA)(DC)(DT)(DT)(DG)(DG)(DT)(DT)(DT)(DA)(DA)(DT)(DA)(DC)(DC)(DC)(DG)(DT)
(DT)(DC)(DT)(DT)(DG)(DG)(DA)(DA)(DT)(DG)(DA)(DT)(DA)(DA)(DG)(DG)(DA)(DA)(DA)(DG)
(DA)(DC)(DA)(DG)(DC)(DC)(DG)(DA)(DT)(DT)(DA)(DT)(DT)(DG)(DA)(DT)(DT)(DG)(DG)(DT)
(DT)(DT)(DC)(DT)(DA)(DC)(DA)(DT)(DG)(DC)(DT)(DC)(DG)(DT)(DA)(DA)(DA)(DT)(DT)(DA)
(DG)(DG)(DA)(DT)(DG)(DG)(DG)(DA)(DT)(DA)(DT)(DT)(DA)(DT)(DT)(DT)(DT)(DT)(DC)(DT)
(DT)(DG)(DT)(DT)(DC)(DA)(DG)(DG)(DA)(DC)(DT)(DT)(DA)(DT)(DC)(DT)(DA)(DT)(DT)(DG)
(DT)(DT)(DG)(DA)(DT)(DA)(DA)(DA)(DC)(DA)(DG)(DG)(DC)(DG)(DC)(DG)(DT)(DT)(DC)(DT)
(DG)(DC)(DA)(DT)(DT)(DA)(DG)(DC)(DT)(DG)(DA)(DA)(DC)(DA)(DT)(DG)(DT)(DT)(DG)(DT)
(DT)(DT)(DA)(DT)(DT)(DG)(DT)(DC)(DG)(DT)(DC)(DG)(DT)(DC)(DT)(DG)(DG)(DA)(DC)(DA)
(DG)(DA)(DA)(DT)(DT)(DA)(DC)(DT)(DT)(DT)(DA)(DC)(DC)(DT)(DT)(DT)(DT)(DG)(DT)(DC)
(DG)(DG)(DT)(DA)(DC)(DT)(DT)(DT)(DA)(DT)(DA)(DT)(DT)(DC)(DT)(DC)(DT)(DT)(DA)(DT)
(DT)(DA)(DC)(DT)(DG)(DG)(DC)(DT)(DC)(DG)(DA)(DA)(DA)(DA)(DT)(DG)(DC)(DC)(DT)(DC)
(DT)(DG)(DC)(DC)(DT)(DA)(DA)(DA)(DT)(DT)(DA)(DC)(DA)(DT)(DG)(DT)(DT)(DG)(DG)(DC)
(DG)(DT)(DT)(DG)(DT)(DT)(DA)(DA)(DA)(DT)(DA)(DT)(DG)(DG)(DC)(DG)(DA)(DT)(DT)(DC)
(DT)(DC)(DA)(DA)(DT)(DT)(DA)(DA)(DG)(DC)(DC)(DC)(DT)(DA)(DC)(DT)(DG)(DT)(DT)(DG)
(DA)(DG)(DC)(DG)(DT)(DT)(DG)(DG)(DC)(DT)(DT)(DT)(DA)(DT)(DA)(DC)(DT)(DG)(DG)(DT)
(DA)(DA)(DG)(DA)(DA)(DT)(DT)(DT)(DG)(DT)(DA)(DT)(DA)(DA)(DC)(DG)(DC)(DA)(DT)(DA)
(DT)(DG)(DA)(DT)(DA)(DC)(DT)(DA)(DA)(DA)(DC)(DA)(DG)(DG)(DC)(DT)(DT)(DT)(DT)(DT)
(DC)(DT)(DA)(DG)(DT)(DA)(DA)(DT)(DT)(DA)(DT)(DG)(DA)(DT)(DT)(DC)(DC)(DG)(DG)(DT)
(DG)(DT)(DT)(DT)(DA)(DT)(DT)(DC)(DT)(DT)(DA)(DT)(DT)(DT)(DA)(DA)(DC)(DG)(DC)(DC)
(DT)(DT)(DA)(DT)(DT)(DT)(DA)(DT)(DC)(DA)(DC)(DA)(DC)(DG)(DG)(DT)(DC)(DG)(DG)(DT)
(DA)(DT)(DT)(DT)(DC)(DA)(DA)(DA)(DC)(DC)(DA)(DT)(DT)(DA)(DA)(DA)(DT)(DT)(DT)(DA)
(DG)(DG)(DT)(DC)(DA)(DG)(DA)(DA)(DG)(DA)(DT)(DG)(DA)(DA)(DA)(DT)(DT)(DA)(DA)(DC)
(DT)(DA)(DA)(DA)(DA)(DT)(DA)(DT)(DA)(DT)(DT)(DT)(DG)(DA)(DA)(DA)(DA)(DA)(DG)(DT)
(DT)(DT)(DT)(DC)(DT)(DC)(DG)(DC)(DG)(DT)(DT)(DC)(DT)(DT)(DT)(DG)(DT)(DC)(DT)(DT)
(DG)(DC)(DG)(DA)(DT)(DT)(DG)(DG)(DA)(DT)(DT)(DT)(DG)(DC)(DA)(DT)(DC)(DA)(DG)(DC)
(DA)(DT)(DT)(DT)(DA)(DC)(DA)(DT)(DA)(DT)(DA)(DG)(DT)(DT)(DA)(DT)(DA)(DT)(DA)(DA)
(DC)(DC)(DC)(DA)(DA)(DC)(DC)(DT)(DA)(DA)(DG)(DC)(DC)(DG)(DG)(DA)(DG)(DG)(DT)(DT)
(DA)(DA)(DA)(DA)(DA)(DG)(DG)(DT)(DA)(DG)(DT)(DC)(DT)(DC)(DT)(DC)(DA)(DG)(DA)(DC)
(DC)(DT)(DA)(DT)(DG)(DA)(DT)(DT)(DT)(DT)(DG)(DA)(DT)(DA)(DA)(DA)(DT)(DT)(DC)(DA)
(DC)(DT)(DA)(DT)(DT)(DG)(DA)(DC)(DT)(DC)(DT)(DT)(DC)(DT)(DC)(DA)(DG)(DC)(DG)(DT)
(DC)(DT)(DT)(DA)(DA)(DT)(DC)(DT)(DA)(DA)(DG)(DC)(DT)(DA)(DT)(DC)(DG)(DC)(DT)(DA)
(DT)(DG)(DT)(DT)(DT)(DT)(DC)(DA)(DA)(DG)(DG)(DA)(DT)(DT)(DC)(DT)(DA)(DA)(DG)(DG)
(DG)(DA)(DA)(DA)(DA)(DT)(DT)(DA)(DA)(DT)(DT)(DA)(DA)(DT)(DA)(DG)(DC)(DG)(DA)(DC)
(DG)(DA)(DT)(DT)(DT)(DA)(DC)(DA)(DG)(DA)(DA)(DG)(DC)(DA)(DA)(DG)(DG)(DT)(DT)(DA)
(DT)(DT)(DC)(DA)(DC)(DT)(DC)(DA)(DC)(DA)(DT)(DA)(DT)(DA)(DT)(DT)(DG)(DA)(DT)(DT)
(DT)(DA)(DT)(DG)(DT)(DA)(DC)(DT)(DG)(DT)(DT)(DT)(DC)(DC)(DA)(DT)(DT)(DA)(DA)(DA)
(DA)(DA)(DA)(DG)(DG)(DT)(DA)(DA)(DT)(DT)(DC)(DA)(DA)(DA)(DT)(DG)(DA)(DA)(DA)(DT)
(DT)(DG)(DT)(DT)(DA)(DA)(DA)(DT)(DG)(DT)(DA)(DA)(DT)(DT)(DA)(DA)(DT)(DT)(DT)(DT)
(DG)(DT)(DT)(DT)(DT)(DC)(DT)(DT)(DG)(DA)(DT)(DG)(DT)(DT)(DT)(DG)(DT)(DT)(DT)(DC)
(DA)(DT)(DC)(DA)(DT)(DC)(DT)(DT)(DC)(DT)(DT)(DT)(DT)(DG)(DC)(DT)(DC)(DA)(DG)(DG)
(DT)(DA)(DA)(DT)(DT)(DG)(DA)(DA)(DA)(DT)(DG)(DA)(DA)(DT)(DA)(DA)(DT)(DT)(DC)(DG)
(DC)(DC)(DT)(DC)(DT)(DG)(DC)(DG)(DC)(DG)(DA)(DT)(DT)(DT)(DT)(DG)(DT)(DA)(DA)(DC)
(DT)(DT)(DG)(DG)(DT)(DA)(DT)(DT)(DC)(DA)(DA)(DA)(DG)(DC)(DA)(DA)(DT)(DC)(DA)(DG)
(DG)(DC)(DG)(DA)(DA)(DT)(DC)(DC)(DG)(DT)(DT)(DA)(DT)(DT)(DG)(DT)(DT)(DT)(DC)(DT)
(DC)(DC)(DC)(DG)(DA)(DT)(DG)(DT)(DA)(DA)(DA)(DA)(DG)(DG)(DT)(DA)(DC)(DT)(DG)(DT)
(DT)(DA)(DC)(DT)(DG)(DT)(DA)(DT)(DA)(DT)(DT)(DC)(DA)(DT)(DC)(DT)(DG)(DA)(DC)(DG)
(DT)(DT)(DA)(DA)(DA)(DC)(DC)(DT)(DG)(DA)(DA)(DA)(DA)(DT)(DC)(DT)(DA)(DC)(DG)(DC)
(DA)(DA)(DT)(DT)(DT)(DC)(DT)(DT)(DT)(DA)(DT)(DT)(DT)(DC)(DT)(DG)(DT)(DT)(DT)(DT)
(DA)(DC)(DG)(DT)(DG)(DC)(DA)(DA)(DA)(DT)(DA)(DA)(DT)(DT)(DT)(DT)(DG)(DA)(DT)(DA)
(DT)(DG)(DG)(DT)(DA)(DG)(DG)(DT)(DT)(DC)(DT)(DA)(DA)(DC)(DC)(DC)(DT)(DT)(DC)(DC)
(DA)(DT)(DT)(DA)(DT)(DT)(DC)(DA)(DG)(DA)(DA)(DG)(DT)(DA)(DT)(DA)(DA)(DT)(DC)(DC)
(DA)(DA)(DA)(DC)(DA)(DA)(DT)(DC)(DA)(DG)(DG)(DA)(DT)(DT)(DA)(DT)(DA)(DT)(DT)(DG)
(DA)(DT)(DG)(DA)(DA)(DT)(DT)(DG)(DC)(DC)(DA)(DT)(DC)(DA)(DT)(DC)(DT)(DG)(DA)(DT)
(DA)(DA)(DT)(DC)(DA)(DG)(DG)(DA)(DA)(DT)(DA)(DT)(DG)(DA)(DT)(DG)(DA)(DT)(DA)(DA)
(DT)(DT)(DC)(DC)(DG)(DC)(DT)(DC)(DC)(DT)(DT)(DC)(DT)(DG)(DG)(DT)(DG)(DG)(DT)(DT)
(DT)(DC)(DT)(DT)(DT)(DG)(DT)(DT)(DC)(DC)(DG)(DC)(DA)(DA)(DA)(DA)(DT)(DG)(DA)(DT)
(DA)(DA)(DT)(DG)(DT)(DT)(DA)(DC)(DT)(DC)(DA)(DA)(DA)(DC)(DT)(DT)(DT)(DT)(DA)(DA)
(DA)(DA)(DT)(DT)(DA)(DA)(DT)(DA)(DA)(DC)(DG)(DT)(DT)(DC)(DG)(DG)(DG)(DC)(DA)(DA)
(DA)(DG)(DG)(DA)(DT)(DT)(DT)(DA)(DA)(DT)(DA)(DC)(DG)(DA)(DG)(DT)(DT)(DG)(DT)(DC)
(DG)(DA)(DA)(DT)(DT)(DG)(DT)(DT)(DT)(DG)(DT)(DA)(DA)(DA)(DG)(DT)(DC)(DT)(DA)(DA)
(DT)(DA)(DC)(DT)(DT)(DC)(DT)(DA)(DA)(DA)(DT)(DC)(DC)(DT)(DC)(DA)(DA)(DA)(DT)(DG)
(DT)(DA)(DT)(DT)(DA)(DT)(DC)(DT)(DA)(DT)(DT)(DG)(DA)(DC)(DG)(DG)(DC)(DT)(DC)(DT)
(DA)(DA)(DT)(DC)(DT)(DA)(DT)(DT)(DA)(DG)(DT)(DT)(DG)(DT)(DT)(DA)(DG)(DT)(DG)(DC)
(DT)(DC)(DC)(DT)(DA)(DA)(DA)(DG)(DA)(DT)(DA)(DT)(DT)(DT)(DT)(DA)(DG)(DA)(DT)(DA)
(DA)(DC)(DC)(DT)(DT)(DC)(DC)(DT)(DC)(DA)(DA)(DT)(DT)(DC)(DC)(DT)(DT)(DT)(DC)(DA)
(DA)(DC)(DT)(DG)(DT)(DT)(DG)(DA)(DT)(DT)(DT)(DG)(DC)(DC)(DA)(DA)(DC)(DT)(DG)(DA)
(DC)(DC)(DA)(DG)(DA)(DT)(DA)(DT)(DT)(DG)(DA)(DT)(DT)(DG)(DA)(DG)(DG)(DG)(DT)(DT)
(DT)(DG)(DA)(DT)(DA)(DT)(DT)(DT)(DG)(DA)(DG)(DG)(DT)(DT)(DC)(DA)(DG)(DC)(DA)(DA)
(DG)(DG)(DT)(DG)(DA)(DT)(DG)(DC)(DT)(DT)(DT)(DA)(DG)(DA)(DT)(DT)(DT)(DT)(DT)(DC)
(DA)(DT)(DT)(DT)(DG)(DC)(DT)(DG)(DC)(DT)(DG)(DG)(DC)(DT)(DC)(DT)(DC)(DA)(DG)(DC)
(DG)(DT)(DG)(DG)(DC)(DA)(DC)(DT)(DG)(DT)(DT)(DG)(DC)(DA)(DG)(DG)(DC)(DG)(DG)(DT)
(DG)(DT)(DT)(DA)(DA)(DT)(DA)(DC)(DT)(DG)(DA)(DC)(DC)(DG)(DC)(DC)(DT)(DC)(DA)(DC)
(DC)(DT)(DC)(DT)(DG)(DT)(DT)(DT)(DT)(DA)(DT)(DC)(DT)(DT)(DC)(DT)(DG)(DC)(DT)(DG)
(DG)(DT)(DG)(DG)(DT)(DT)(DC)(DG)(DT)(DT)(DC)(DG)(DG)(DT)(DA)(DT)(DT)(DT)(DT)(DT)
(DA)(DA)(DT)(DG)(DG)(DC)(DG)(DA)(DT)(DG)(DT)(DT)(DT)(DT)(DA)(DG)(DG)(DG)(DC)(DT)
(DA)(DT)(DC)(DA)(DG)(DT)(DT)(DC)(DG)(DC)(DG)(DC)(DA)(DT)(DT)(DA)(DA)(DA)(DG)(DA)
(DC)(DT)(DA)(DA)(DT)(DA)(DG)(DC)(DC)(DA)(DT)(DT)(DC)(DA)(DA)(DA)(DA)(DA)(DT)(DA)
(DT)(DT)(DG)(DT)(DC)(DT)(DG)(DT)(DG)(DC)(DC)(DA)(DC)(DG)(DT)(DA)(DT)(DT)(DC)(DT)
(DT)(DA)(DC)(DG)(DC)(DT)(DT)(DT)(DC)(DA)(DG)(DG)(DT)(DC)(DA)(DG)(DA)(DA)(DG)(DG)
(DG)(DT)(DT)(DC)(DT)(DA)(DT)(DC)(DT)(DC)(DT)(DG)(DT)(DT)(DG)(DG)(DC)(DC)(DA)(DG)
(DA)(DA)(DT)(DG)(DT)(DC)(DC)(DC)(DT)(DT)(DT)(DT)(DA)(DT)(DT)(DA)(DC)(DT)(DG)(DG)
(DT)(DC)(DG)(DT)(DG)(DT)(DG)(DA)(DC)(DT)(DG)(DG)(DT)(DG)(DA)(DA)(DT)(DC)(DT)(DG)
(DC)(DC)(DA)(DA)(DT)(DG)(DT)(DA)(DA)(DA)(DT)(DA)(DA)(DT)(DC)(DC)(DA)(DT)(DT)(DT)
(DC)(DA)(DG)(DA)(DC)(DG)(DA)(DT)(DT)(DG)(DA)(DG)(DC)(DG)(DT)(DC)(DA)(DA)(DA)(DA)
(DT)(DG)(DT)(DA)(DG)(DG)(DT)(DA)(DT)(DT)(DT)(DC)(DC)(DA)(DT)(DG)(DA)(DG)(DC)(DG)
(DT)(DT)(DT)(DT)(DT)(DC)(DC)(DT)(DG)(DT)(DT)(DG)(DC)(DA)(DA)(DT)(DG)(DG)(DC)(DT)
(DG)(DG)(DC)(DG)(DG)(DT)(DA)(DA)(DT)(DA)(DT)(DT)(DG)(DT)(DT)(DC)(DT)(DG)(DG)(DA)
(DT)(DA)(DT)(DT)(DA)(DC)(DC)(DA)(DG)(DC)(DA)(DA)(DG)(DG)(DC)(DC)(DG)(DA)(DT)(DA)
(DG)(DT)(DT)(DT)(DG)(DA)(DG)(DT)(DT)(DC)(DT)(DT)(DC)(DT)(DA)(DC)(DT)(DC)(DA)(DG)
(DG)(DC)(DA)(DA)(DG)(DT)(DG)(DA)(DT)(DG)(DT)(DT)(DA)(DT)(DT)(DA)(DC)(DT)(DA)(DA)
(DT)(DC)(DA)(DA)(DA)(DG)(DA)(DA)(DG)(DT)(DA)(DT)(DT)(DG)(DC)(DT)(DA)(DC)(DA)(DA)
(DC)(DG)(DG)(DT)(DT)(DA)(DA)(DT)(DT)(DT)(DG)(DC)(DG)(DT)(DG)(DA)(DT)(DG)(DG)(DA)
(DC)(DA)(DG)(DA)(DC)(DT)(DC)(DT)(DT)(DT)(DT)(DA)(DC)(DT)(DC)(DG)(DG)(DT)(DG)(DG)
(DC)(DC)(DT)(DC)(DA)(DC)(DT)(DG)(DA)(DT)(DT)(DA)(DT)(DA)(DA)(DA)(DA)(DA)(DC)(DA)
(DC)(DT)(DT)(DC)(DT)(DC)(DA)(DG)(DG)(DA)(DT)(DT)(DC)(DT)(DG)(DG)(DC)(DG)(DT)(DA)
(DC)(DC)(DG)(DT)(DT)(DC)(DC)(DT)(DG)(DT)(DC)(DT)(DA)(DA)(DA)(DA)(DT)(DC)(DC)(DC)
(DT)(DT)(DT)(DA)(DA)(DT)(DC)(DG)(DG)(DC)(DC)(DT)(DC)(DC)(DT)(DG)(DT)(DT)(DT)(DA)
(DG)(DC)(DT)(DC)(DC)(DC)(DG)(DC)(DT)(DC)(DT)(DG)(DA)(DT)(DT)(DC)(DT)(DA)(DA)(DC)
(DG)(DA)(DG)(DG)(DA)(DA)(DA)(DG)(DC)(DA)(DC)(DG)(DT)(DT)(DA)(DT)(DA)(DC)(DG)(DT)
(DG)(DC)(DT)(DC)(DG)(DT)(DC)(DA)(DA)(DA)(DG)(DC)(DA)(DA)(DC)(DC)(DA)(DT)(DA)(DG)
(DT)(DA)(DC)(DG)(DC)(DG)(DC)(DC)(DC)(DT)(DG)(DT)(DA)(DG)(DC)(DG)(DG)(DC)(DG)(DC)
(DA)(DT)(DT)(DA)(DA)(DG)(DC)(DG)(DC)(DG)(DG)(DC)(DG)(DG)(DG)(DT)(DG)(DT)(DG)(DG)
(DT)(DG)(DG)(DT)(DT)(DA)(DC)(DG)(DC)(DG)(DC)(DA)(DG)(DC)(DG)(DT)(DG)(DA)(DC)(DC)
(DG)(DC)(DT)(DA)(DC)(DA)(DC)(DT)(DT)(DG)(DC)(DC)(DA)(DG)(DC)(DG)(DC)(DC)(DC)(DT)
(DA)(DG)(DC)(DG)(DC)(DC)(DC)(DG)(DC)(DT)(DC)(DC)(DT)(DT)(DT)(DC)(DG)(DC)(DT)(DT)
(DT)(DC)(DT)(DT)(DC)(DC)(DC)(DT)(DT)(DC)(DC)(DT)(DT)(DT)(DC)(DT)(DC)(DG)(DC)(DC)
(DA)(DC)(DG)(DT)(DT)(DC)(DG)(DC)(DC)(DG)(DG)(DC)(DT)(DT)(DT)(DC)(DC)(DC)(DC)(DG)
(DT)(DC)(DA)(DA)(DG)(DC)(DT)(DC)(DT)(DA)(DA)(DA)(DT)(DC)(DG)(DG)(DG)(DG)(DG)(DC)
(DT)(DC)(DC)(DC)(DT)(DT)(DT)(DA)(DG)(DG)(DG)(DT)(DT)(DC)(DC)(DG)(DA)(DT)(DT)(DT)
(DA)(DG)(DT)(DG)(DC)(DT)(DT)(DT)(DA)(DC)(DG)(DG)(DC)(DA)(DC)(DC)(DT)(DC)(DG)(DA)
(DC)(DC)(DC)(DC)(DA)(DA)(DA)(DA)(DA)(DA)(DC)(DT)(DT)(DG)(DA)(DT)(DT)(DT)(DG)(DG)
(DG)(DT)(DG)(DA)(DT)(DG)(DG)(DT)(DT)(DC)(DA)(DC)(DG)(DT)(DA)(DG)(DT)(DG)(DG)(DG)
(DC)(DC)(DA)(DT)(DC)(DG)(DC)(DC)(DC)
;
AA
2 'polydeoxyribonucleotide'
;(DT)(DC)(DA)(DA)(DT)(DA)(DG)(DA)(DT)(DA)(DA)(DT)(DA)(DA)(DA)(DG)(DG)(DC)(DT)(DT)
(DA)(DC)(DA)(DA)(DT)(DA)(DG)(DC)(DA)(DG)(DC)(DG)(DA)(DA)(DT)(DA)(DA)(DA)(DC)(DA)
(DG)(DC)(DT)(DT)(DG)(DA)(DT)(DA)(DA)(DT)(DA)(DA)(DG)(DT)(DA)
;
A0
3 'polydeoxyribonucleotide'
;(DA)(DG)(DA)(DT)(DC)(DA)(DT)(DT)(DT)(DT)(DT)(DT)(DT)(DC)(DC)(DA)(DT)(DT)(DA)(DC)
(DG)(DC)(DA)(DT)(DA)(DA)(DC)(DG)(DA)(DC)(DA)(DA)(DT)(DG)(DT)(DA)(DG)(DA)(DA)(DA)
(DG)(DG)(DA)(DG)
;
A1
4 'polydeoxyribonucleotide'
;(DA)(DA)(DA)(DA)(DC)(DA)(DG)(DG)(DA)(DA)(DG)(DA)(DA)(DA)(DA)(DG)(DC)(DT)(DG)(DT)
(DC)(DT)(DT)(DT)(DA)(DT)(DA)(DA)(DA)(DC)(DA)(DA)(DC)(DA)(DA)(DG)(DA)(DA)(DA)(DA)
(DT)(DA)(DA)(DT)(DA)(DA)(DG)(DA)(DA)(DC)
;
A2
5 'polydeoxyribonucleotide'
;(DT)(DG)(DA)(DA)(DC)(DA)(DA)(DT)(DA)(DG)(DC)(DA)(DA)(DT)(DT)(DT)(DG)(DC)(DT)(DT)
(DT)(DC)(DA)(DC)(DT)(DC)(DA)(DT)(DC)(DT)(DG)(DC)(DA)(DA)(DC)(DG)(DG)(DC)(DA)(DT)
;
A3
6 'polydeoxyribonucleotide'
;(DA)(DG)(DA)(DT)(DA)(DA)(DG)(DT)(DA)(DA)(DC)(DT)(DT)(DT)(DT)(DT)(DT)(DT)(DT)(DT)
(DT)(DG)(DA)(DT)(DC)(DT)(DA)(DA)(DA)(DG)(DT)(DT)(DT)(DT)(DA)(DG)(DT)(DT)(DA)(DC)
(DA)(DA)(DA)(DA)(DT)(DA)(DA)(DA)
;
A4
7 'polydeoxyribonucleotide'
;(DG)(DA)(DA)(DT)(DA)(DC)(DG)(DT)(DA)(DC)(DA)(DA)(DA)(DC)(DA)(DG)(DC)(DA)(DA)(DG)
(DA)(DA)(DA)(DC)(DA)(DA)(DT)(DG)(DA)(DA)(DC)(DC)(DC)(DT)(DG)(DA)(DA)(DC)(DT)(DC)
(DA)(DC)(DG)(DT)(DT)(DG)(DT)(DA)
;
A5
8 'polydeoxyribonucleotide'
;(DA)(DA)(DT)(DT)(DG)(DA)(DG)(DT)(DA)(DA)(DT)(DA)(DT)(DC)(DA)(DG)(DA)(DA)(DC)(DA)
(DA)(DC)(DT)(DA)(DA)(DA)(DT)(DT)(DT)(DG)(DC)(DC)(DC)(DT)(DG)(DT)(DA)(DT)(DG)(DG)
(DA)(DG)(DA)(DT)(DA)(DT)(DA)(DG)(DC)(DA)
;
A6
9 'polydeoxyribonucleotide'
;(DT)(DT)(DT)(DT)(DT)(DG)(DA)(DA)(DC)(DA)(DC)(DA)(DG)(DG)(DG)(DA)(DT)(DA)(DG)(DC)
(DA)(DA)(DG)(DC)(DC)(DC)(DC)(DC)(DA)(DC)(DC)(DA)(DC)(DC)(DC)(DG)(DA)(DC)(DG)(DA)
(DC)(DA)(DA)(DC)(DC)(DG)(DA)(DC)
;
A7
10 'polydeoxyribonucleotide'
;(DT)(DT)(DA)(DT)(DT)(DC)(DG)(DG)(DA)(DA)(DA)(DC)(DA)(DG)(DT)(DT)(DA)(DG)(DA)(DT)
(DT)(DA)(DA)(DG)(DA)(DC)(DG)(DC)(DT)(DG)(DT)(DT)(DA)(DT)(DA)(DT)(DA)(DA)(DT)(DT)
(DT)(DA)(DA)(DT)(DG)(DG)(DG)(DG)
;
A8
11 'polydeoxyribonucleotide'
;(DG)(DC)(DC)(DT)(DT)(DG)(DT)(DC)(DA)(DG)(DA)(DG)(DC)(DC)(DG)(DC)(DC)(DA)(DC)(DC)
(DC)(DT)(DC)(DA)(DG)(DA)(DA)(DC)(DC)(DG)(DA)(DC)(DC)(DA)(DG)(DA)(DA)(DC)(DC)(DC)
;
AB
12 'polydeoxyribonucleotide'
;(DA)(DA)(DA)(DC)(DG)(DA)(DT)(DT)(DG)(DG)(DA)(DA)(DA)(DA)(DT)(DC)(DA)(DC)(DG)(DG)
(DT)(DT)(DG)(DA)(DG)(DG)(DA)(DA)(DC)(DC)(DG)(DA)(DT)(DT)(DG)(DA)(DG)(DG)(DG)(DA)
(DG)(DG)(DT)(DA)(DT)(DG)(DG)(DT)
;
AC
13 'polydeoxyribonucleotide'
;(DG)(DA)(DA)(DA)(DG)(DC)(DG)(DC)(DA)(DG)(DT)(DC)(DC)(DG)(DG)(DG)(DG)(DT)(DC)(DA)
(DT)(DA)(DA)(DT)(DG)(DC)(DC)(DC)(DC)(DA)(DC)(DC)(DA)(DC)(DC)(DA)(DA)(DC)(DA)(DT)
(DA)(DA)(DA)(DG)(DG)(DT)(DG)(DG)(DC)(DA)
;
AD
14 'polydeoxyribonucleotide'
;(DC)(DA)(DT)(DA)(DC)(DA)(DT)(DG)(DG)(DC)(DT)(DT)(DT)(DT)(DT)(DT)(DT)(DT)(DT)(DT)
(DT)(DT)(DT)(DT)(DG)(DA)(DT)(DG)(DA)(DT)(DA)(DC)(DA)(DG)(DT)(DC)(DT)(DG)(DA)(DA)
(DA)(DC)(DA)(DT)(DG)(DA)
;
AE
15 'polydeoxyribonucleotide'
;(DC)(DC)(DC)(DC)(DA)(DC)(DC)(DC)(DT)(DC)(DT)(DG)(DG)(DT)(DA)(DA)(DT)(DA)(DA)(DG)
(DT)(DT)(DT)(DT)(DA)(DA)(DT)(DC)(DT)(DG)(DA)(DA)(DT)(DT)(DT)(DC)(DA)(DG)(DA)(DC)
(DT)(DG)(DT)(DA)(DG)(DC)(DG)(DC)
;
AF
16 'polydeoxyribonucleotide'
;(DC)(DA)(DG)(DG)(DT)(DC)(DA)(DG)(DA)(DC)(DC)(DG)(DG)(DA)(DA)(DC)(DT)(DG)(DA)(DC)
(DA)(DG)(DG)(DA)(DC)(DG)(DG)(DA)(DA)(DC)(DC)(DA)(DC)(DA)(DT)(DT)(DA)(DA)(DA)(DG)
(DC)(DA)(DC)(DC)(DA)(DG)
;
AG
17 'polydeoxyribonucleotide'
;(DC)(DC)(DA)(DG)(DT)(DA)(DA)(DC)(DA)(DG)(DG)(DA)(DG)(DC)(DC)(DA)(DC)(DC)(DT)(DC)
(DC)(DT)(DC)(DA)(DT)(DT)(DG)(DG)(DT)(DC)(DA)(DT)(DA)(DG)(DC)(DC)(DC)(DC)(DC)(DT)
(DT)(DA)(DA)(DG)(DC)(DA)(DA)(DA)
;
AH
18 'polydeoxyribonucleotide'
;(DT)(DT)(DA)(DA)(DA)(DG)(DA)(DA)(DC)(DT)(DT)(DT)(DT)(DG)(DA)(DA)(DA)(DT)(DC)(DG)
(DC)(DG)(DA)(DA)(DA)(DC)(DC)(DG)(DA)(DG)(DC)(DC)(DA)(DG)(DA)(DA)(DA)(DG)(DA)(DC)
(DA)(DG)(DC)(DA)(DA)(DT)(DT)(DC)
;
AI
19 'polydeoxyribonucleotide'
;(DA)(DA)(DA)(DA)(DT)(DT)(DC)(DA)(DG)(DA)(DA)(DG)(DG)(DT)(DA)(DA)(DA)(DA)(DA)(DT)
(DT)(DA)(DT)(DT)(DT)(DG)(DC)(DC)(DC)(DG)(DT)(DA)(DG)(DC)(DA)(DT)(DT)(DT)(DT)(DC)
(DA)(DA)(DA)(DG)(DC)(DC)(DA)(DG)(DA)(DA)(DT)(DG)
;
AJ
20 'polydeoxyribonucleotide'
;(DA)(DC)(DA)(DG)(DT)(DT)(DT)(DA)(DT)(DT)(DG)(DC)(DA)(DG)(DT)(DA)(DT)(DG)(DG)(DT)
(DT)(DA)(DA)(DT)(DT)(DT)(DT)(DC)(DG)(DC)(DC)(DT)(DG)(DA)(DA)(DC)(DG)(DC)(DC)(DA)
(DA)(DC)(DT)(DA)(DC)(DA)(DG)(DA)(DG)(DG)(DT)(DT)(DA)(DT)(DC)(DA)(DT)(DC)(DA)(DG)
;
AK
21 'polydeoxyribonucleotide'
;(DA)(DT)(DA)(DA)(DA)(DA)(DT)(DT)(DT)(DT)(DG)(DC)(DT)(DC)(DT)(DT)(DT)(DC)(DG)(DG)
(DA)(DA)(DC)(DT)(DT)(DT)(DA)(DG)(DC)(DG)(DT)(DA)(DC)(DC)(DG)(DT)(DT)(DC)(DC)(DA)
(DG)(DT)(DA)(DA)(DG)(DC)(DG)(DT)
;
AL
22 'polydeoxyribonucleotide'
;(DA)(DA)(DC)(DA)(DT)(DG)(DT)(DT)(DC)(DA)(DT)(DG)(DT)(DC)(DC)(DA)(DG)(DA)(DC)(DT)
(DC)(DA)(DT)(DT)(DT)(DT)(DA)(DA)(DT)(DA)(DA)(DC)(DG)(DG)(DT)(DC)(DA)(DC)(DC)(DG)
(DT)(DC)(DC)(DG)(DA)(DC)(DA)(DT)(DT)(DC)
;
AM
23 'polydeoxyribonucleotide'
;(DG)(DA)(DT)(DA)(DA)(DG)(DA)(DC)(DT)(DC)(DA)(DT)(DA)(DG)(DA)(DC)(DG)(DG)(DA)(DT)
(DA)(DT)(DT)(DC)(DA)(DT)(DG)(DA)(DG)(DC)(DC)(DG)(DC)(DC)(DG)(DC)(DC)(DA)(DG)(DC)
(DA)(DT)(DC)(DG)(DC)(DC)(DT)(DC)
;
AN
24 'polydeoxyribonucleotide'
;(DC)(DA)(DT)(DG)(DA)(DT)(DA)(DC)(DC)(DG)(DC)(DC)(DA)(DC)(DG)(DC)(DA)(DC)(DC)(DA)
(DT)(DT)(DA)(DC)(DC)(DA)(DT)(DT)(DA)(DG)(DT)(DT)(DT)(DC)(DA)(DT)(DC)(DG)(DT)(DA)
(DA)(DA)(DC)(DA)(DG)(DT)(DG)(DT)
;
AO
25 'polydeoxyribonucleotide'
;(DA)(DG)(DG)(DT)(DA)(DC)(DC)(DG)(DC)(DC)(DA)(DC)(DC)(DA)(DA)(DT)(DG)(DA)(DA)(DA)
(DC)(DC)(DA)(DT)(DC)(DG)(DA)(DA)(DG)(DT)(DT)(DT)(DG)(DC)(DC)(DC)(DT)(DA)(DT)(DT)
;
AP
26 'polydeoxyribonucleotide'
;(DG)(DC)(DC)(DG)(DT)(DC)(DG)(DA)(DG)(DA)(DG)(DG)(DG)(DT)(DC)(DA)(DG)(DG)(DC)(DG)
(DC)(DA)(DT)(DG)(DC)(DT)(DC)(DC)(DA)(DT)(DA)(DT)(DC)(DA)(DT)(DA)(DA)(DG)(DT)(DG)
(DA)(DG)(DG)(DA)(DA)(DG)(DG)(DC)(DG)(DG)(DA)(DA)(DC)(DA)(DG)(DC)(DC)
;
AQ
27 'polydeoxyribonucleotide'
;(DT)(DT)(DT)(DT)(DT)(DA)(DC)(DT)(DC)(DC)(DT)(DC)(DA)(DA)(DT)(DT)(DT)(DT)(DT)(DT)
(DT)(DT)(DT)(DT)(DT)(DT)(DA)(DA)(DG)(DC)(DA)(DG)(DT)(DA)(DG)(DC)(DG)(DA)(DC)(DA)
(DG)(DA)(DA)(DT)(DC)(DA)(DT)(DA)(DG)(DC)(DA)(DG)(DC)(DA)(DT)(DT)(DA)(DG)(DG)(DA)
(DT)(DG)(DT)
;
AR
28 'polydeoxyribonucleotide'
;(DT)(DT)(DT)(DT)(DT)(DC)(DC)(DA)(DA)(DG)(DA)(DA)(DG)(DG)(DA)(DA)(DT)(DT)(DT)(DT)
(DT)(DT)(DT)(DT)(DT)(DT)(DA)(DC)(DC)(DG)(DA)(DG)(DG)(DA)(DT)(DT)(DA)(DA)(DA)(DT)
(DA)(DA)(DG)(DA)(DA)(DT)(DT)(DT)(DT)(DT)(DT)(DT)(DT)(DT)(DT)(DT)(DA)(DA)(DA)(DC)
(DA)(DC)(DC)(DG)
;
AS
29 'polydeoxyribonucleotide'
;(DA)(DT)(DG)(DT)(DG)(DA)(DA)(DT)(DT)(DA)(DA)(DA)(DT)(DA)(DC)(DC)(DC)(DA)(DA)(DC)
(DC)(DA)(DG)(DC)(DG)(DC)(DT)(DC)(DC)(DG)(DG)(DC)(DT)(DT)(DA)(DG)(DG)(DT)(DT)(DG)
(DG)(DG)(DA)(DG)(DA)(DA)(DG)(DA)
;
AT
30 'polydeoxyribonucleotide'
;(DT)(DA)(DC)(DC)(DT)(DC)(DA)(DG)(DA)(DG)(DA)(DA)(DT)(DA)(DG)(DG)(DA)(DA)(DA)(DT)
(DA)(DC)(DC)(DA)(DA)(DG)(DC)(DT)(DT)(DT)(DA)(DA)(DT)(DT)(DC)(DA)(DG)(DC)(DA)(DG)
(DC)(DG)(DG)(DA)(DA)(DC)(DA)(DA)
;
AU
31 'polydeoxyribonucleotide'
;(DG)(DT)(DC)(DA)(DA)(DG)(DG)(DC)(DC)(DG)(DC)(DG)(DT)(DA)(DG)(DA)(DA)(DA)(DC)(DT)
(DT)(DA)(DT)(DT)(DA)(DC)(DT)(DT)(DG)(DT)(DC)(DA)(DC)(DA)(DA)(DA)(DA)(DT)(DG)(DC)
(DT)(DG)(DA)(DT)(DG)(DC)(DA)(DA)(DA)(DT)(DA)(DA)
;
AV
32 'polydeoxyribonucleotide'
;(DT)(DT)(DT)(DT)(DT)(DT)(DC)(DT)(DT)(DT)(DT)(DC)(DA)(DT)(DA)(DA)(DT)(DC)(DC)(DC)
(DT)(DT)(DG)(DA)(DT)(DA)(DT)(DT)(DT)(DT)(DT)(DT)(DT)(DT)(DT)(DT)(DT)(DT)(DC)(DA)
(DC)(DA)(DA)(DA)(DC)(DA)(DA)(DA)(DT)(DA)
;
AW
33 'polydeoxyribonucleotide'
;(DT)(DG)(DC)(DC)(DT)(DA)(DT)(DT)(DA)(DG)(DC)(DA)(DA)(DA)(DG)(DA)(DA)(DA)(DC)(DG)
(DT)(DC)(DA)(DC)(DC)(DC)(DT)(DC)(DA)(DG)(DC)(DG)(DT)(DC)(DA)(DC)(DC)(DA)(DA)(DC)
(DT)(DA)(DA)(DA)(DA)(DC)(DG)(DA)
;
AX
34 'polydeoxyribonucleotide'
;(DA)(DT)(DG)(DA)(DG)(DT)(DG)(DT)(DA)(DC)(DA)(DG)(DA)(DG)(DC)(DC)(DA)(DC)(DT)(DT)
(DT)(DT)(DT)(DT)(DT)(DT)(DT)(DT)(DC)(DA)(DC)(DC)(DC)(DT)(DC)(DA)(DG)(DA)(DG)(DC)
(DC)(DG)
;
AY
35 'polydeoxyribonucleotide'
;(DA)(DA)(DG)(DT)(DA)(DG)(DA)(DG)(DA)(DA)(DG)(DG)(DA)(DC)(DC)(DG)(DT)(DA)(DA)(DT)
(DG)(DT)(DA)(DT)(DC)(DA)(DC)(DC)(DT)(DT)(DC)(DC)(DA)(DC)(DA)(DG)(DA)(DC)(DC)(DA)
(DA)(DC)(DC)(DT)(DA)(DG)(DT)(DT)(DG)(DC)(DG)(DC)(DC)(DC)
;
AZ
36 'polydeoxyribonucleotide'
;(DT)(DT)(DC)(DG)(DC)(DC)(DA)(DT)(DA)(DT)(DT)(DA)(DG)(DG)(DG)(DT)(DA)(DA)(DT)(DT)
(DG)(DA)(DG)(DC)(DG)(DC)(DT)(DT)(DA)(DA)(DG)(DC)(DC)(DC)(DA)(DA)(DT)(DA)(DC)(DC)
(DG)(DA)(DT)(DA)(DA)
;
Ab
37 'polydeoxyribonucleotide'
;(DA)(DT)(DA)(DT)(DA)(DA)(DT)(DA)(DC)(DT)(DA)(DG)(DA)(DA)(DT)(DG)(DT)(DG)(DA)(DT)
(DA)(DA)(DT)(DT)(DT)(DT)(DA)(DA)(DC)(DC)(DC)(DA)(DA)(DA)(DG)(DA)(DC)(DA)(DA)(DA)
(DA)(DT)(DT)(DT)(DT)(DT)(DT)(DT)(DT)(DT)(DT)(DG)(DG)(DG)(DA)(DC)(DC)(DG)(DA)(DC)
(DT)(DT)(DG)(DA)(DG)(DT)(DT)(DT)(DT)(DT)
;
Ac
38 'polydeoxyribonucleotide'
;(DC)(DA)(DT)(DT)(DT)(DT)(DA)(DA)(DA)(DG)(DT)(DA)(DC)(DA)(DC)(DA)(DG)(DC)(DG)(DA)
(DT)(DT)(DC)(DC)(DC)(DA)(DT)(DG)(DT)(DA)(DT)(DA)(DC)(DC)(DG)(DA)(DA)(DG)(DC)(DC)
(DC)(DT)(DT)(DT)(DT)(DT)(DG)(DA)
;
Ad
39 'polydeoxyribonucleotide'
;(DC)(DG)(DC)(DC)(DA)(DT)(DC)(DT)(DC)(DA)(DA)(DC)(DA)(DG)(DT)(DT)(DT)(DC)(DA)(DA)
(DA)(DT)(DA)(DA)(DG)(DA)(DC)(DA)(DA)(DA)(DA)(DA)(DG)(DA)(DC)(DA)(DC)(DC)(DA)(DC)
(DG)(DG)(DA)(DA)(DT)(DA)(DA)(DT)
;
Af
40 'polydeoxyribonucleotide'
;(DA)(DG)(DC)(DG)(DC)(DA)(DA)(DA)(DA)(DG)(DG)(DA)(DG)(DC)(DT)(DT)(DT)(DG)(DC)(DA)
(DC)(DC)(DC)(DG)(DA)(DC)(DT)(DT)(DG)(DC)(DG)(DG)(DG)(DA)(DG)(DG)(DT)(DT)(DT)(DT)
(DA)(DA)(DT)(DT)(DG)(DC)(DA)(DA)
;
Ag
41 'polydeoxyribonucleotide'
;(DT)(DA)(DA)(DC)(DC)(DT)(DT)(DC)(DC)(DC)(DT)(DT)(DA)(DG)(DA)(DA)(DT)(DC)(DC)(DT)
(DT)(DG)(DC)(DC)(DA)(DA)(DT)(DC)(DG)(DC)(DA)(DT)(DA)(DT)(DT)(DT)(DT)(DA)(DA)(DG)
(DT)(DA)(DC)(DC)
;
Ah
42 'polydeoxyribonucleotide'
;(DT)(DA)(DA)(DC)(DG)(DA)(DA)(DG)(DG)(DC)(DA)(DC)(DA)(DG)(DC)(DC)(DC)(DT)(DC)(DA)
(DT)(DA)(DG)(DT)(DT)(DT)(DT)(DT)(DT)(DT)(DT)(DT)(DT)(DT)(DT)(DA)(DG)(DC)(DC)(DC)
(DC)(DA)(DC)(DA)(DA)(DG)
;
Ai
43 'polydeoxyribonucleotide'
;(DG)(DC)(DA)(DG)(DC)(DA)(DG)(DA)(DT)(DT)(DA)(DT)(DC)(DA)(DA)(DA)(DA)(DA)(DC)(DA)
(DG)(DA)(DT)(DA)(DG)(DG)(DC)(DA)(DG)(DA)(DT)(DT)(DA)(DT)(DA)(DC)(DA)(DA)(DG)(DA)
(DC)(DC)(DT)(DA)(DA)(DA)(DC)(DT)(DA)(DT)(DA)(DT)(DG)(DT)(DA)(DT)(DC)(DA)(DA)(DT)
(DA)(DG)
;
Aj
44 'polydeoxyribonucleotide'
;(DA)(DG)(DG)(DC)(DA)(DA)(DG)(DT)(DC)(DG)(DA)(DA)(DA)(DT)(DG)(DA)(DG)(DG)(DT)(DT)
(DT)(DA)(DG)(DC)(DG)(DG)(DA)(DT)(DA)(DA)(DT)(DA)(DG)(DC)(DG)(DG)(DG)(DG)(DG)(DA)
(DA)(DA)(DC)(DG)(DC)(DA)
;
Ak
45 'polydeoxyribonucleotide'
;(DT)(DT)(DA)(DA)(DC)(DC)(DG)(DC)(DC)(DA)(DT)(DT)(DG)(DT)(DA)(DT)(DC)(DA)(DC)(DA)
(DT)(DC)(DT)(DT)(DC)(DT)(DA)(DT)(DT)(DC)(DT)(DT)(DA)(DC)(DG)(DC)(DG)(DA)(DT)(DA)
(DG)(DC)(DT)(DA)(DC)(DA)(DT)(DA)
;
Al
46 'polydeoxyribonucleotide'
;(DC)(DA)(DA)(DC)(DG)(DC)(DC)(DT)(DG)(DT)(DA)(DG)(DC)(DA)(DG)(DT)(DA)(DC)(DT)(DC)
(DA)(DG)(DC)(DC)(DG)(DC)(DG)(DA)(DC)(DC)(DG)(DA)(DA)(DA)(DA)(DC)(DT)(DT)(DT)(DA)
(DG)(DG)(DG)(DC)(DT)(DT)(DA)(DT)
;
Am
47 'polydeoxyribonucleotide'
;(DC)(DA)(DC)(DC)(DC)(DT)(DG)(DT)(DA)(DT)(DC)(DG)(DG)(DT)(DA)(DG)(DG)(DC)(DT)(DC)
(DC)(DA)(DT)(DT)(DA)(DG)(DA)(DC)(DG)(DG)(DT)(DG)(DT)(DT)(DT)(DA)(DA)(DC)(DG)(DT)
(DC)(DA)(DA)(DA)(DA)(DA)(DT)(DG)
;
An
48 'polydeoxyribonucleotide'
;(DG)(DG)(DG)(DA)(DT)(DC)(DC)(DG)(DA)(DG)(DG)(DG)(DT)(DA)(DT)(DT)(DG)(DA)(DC)(DC)
(DC)(DC)(DA)(DC)(DG)(DG)(DA)(DG)(DA)(DT)(DC)(DC)(DC)(DT)(DC)(DA)
;
Ao
49 'polydeoxyribonucleotide'
;(DA)(DA)(DC)(DT)(DT)(DT)(DG)(DA)(DG)(DG)(DT)(DG)(DC)(DA)(DG)(DG)(DG)(DA)(DT)(DT)
(DT)(DC)(DT)(DT)(DA)(DA)(DT)(DA)(DA)(DT)(DT)(DT)(DT)(DT)(DA)(DA)(DA)(DG)(DT)(DC)
(DA)(DG)(DA)(DT)(DT)(DT)(DA)(DT)
;
As
50 'polydeoxyribonucleotide'
;(DG)(DC)(DC)(DG)(DT)(DT)(DG)(DA)(DA)(DC)(DC)(DT)(DC)(DC)(DC)(DA)(DG)(DC)(DT)(DA)
(DC)(DA)(DA)(DT)(DT)(DT)(DT)(DA)(DT)(DC)(DC)(DG)(DA)(DT)(DT)(DT)(DT)(DT)(DG)(DA)
(DG)(DA)(DA)(DT)(DT)(DA)(DA)(DC)
;
Au
51 'polydeoxyribonucleotide'
;(DG)(DA)(DA)(DG)(DC)(DC)(DG)(DT)(DA)(DC)(DC)(DG)(DC)(DA)(DT)(DT)(DC)(DC)(DA)(DA)
(DG)(DA)(DA)(DT)(DA)(DA)(DT)(DC)(DG)(DG)(DT)(DA)(DA)(DG)(DC)(DA)(DG)(DA)(DT)(DA)
(DG)(DC)(DC)(DT)(DT)(DT)(DT)(DT)
;
Av
52 'polydeoxyribonucleotide'
;(DG)(DC)(DT)(DT)(DT)(DA)(DT)(DT)(DT)(DT)(DC)(DA)(DA)(DA)(DA)(DA)(DA)(DA)(DT)(DT)
(DA)(DT)(DC)(DA)(DG)(DC)(DA)(DG)(DC)(DT)(DA)(DT)(DC)(DT)(DC)(DC)(DG)(DT)(DA)(DA)
(DC)(DA)(DC)(DT)(DG)(DA)(DG)(DT)
;
Aw
53 'polydeoxyribonucleotide'
;(DC)(DG)(DA)(DA)(DC)(DG)(DC)(DA)(DA)(DT)(DA)(DA)(DG)(DT)(DT)(DA)(DC)(DC)(DT)(DT)
(DT)(DG)(DG)(DG)(DA)(DA)(DT)(DT)(DA)(DG)(DA)(DG)(DC)(DC)(DT)(DT)(DA)(DG)(DC)(DG)
(DT)(DT)(DT)(DG)(DC)(DC)(DA)(DT)(DT)(DT)(DT)(DT)
;
Ax
54 'polydeoxyribonucleotide'
;(DT)(DA)(DG)(DC)(DA)(DG)(DC)(DC)(DT)(DT)(DT)(DA)(DC)(DA)(DG)(DT)(DT)(DT)(DT)(DT)
(DT)(DT)(DT)(DT)(DT)(DA)(DG)(DA)(DG)(DA)(DA)(DT)(DA)(DA)(DC)(DA)(DT)(DA)
;
Ay
55 'polydeoxyribonucleotide'
;(DA)(DC)(DT)(DG)(DA)(DT)(DA)(DT)(DA)(DA)(DG)(DT)(DA)(DT)(DA)(DT)(DT)(DT)(DT)(DT)
(DT)(DT)(DT)(DT)(DT)(DG)(DC)(DC)(DC)(DG)(DG)(DA)(DA)(DT)(DA)(DG)(DG)(DT)(DA)(DG)
(DG)(DC)(DT)(DG)(DA)(DG)(DT)(DT)(DT)(DT)(DT)
;
Az
56 'polydeoxyribonucleotide'
;(DG)(DC)(DG)(DC)(DG)(DC)(DG)(DG)(DG)(DG)(DA)(DC)(DG)(DT)(DG)(DC)(DT)(DT)(DC)(DG)
(DC)(DC)(DG)(DC)(DT)(DA)(DC)(DA)(DG)(DC)(DT)(DT)(DT)(DC)(DA)(DA)(DT)(DA)(DG)(DG)
(DA)(DA)(DT)(DT)(DG)(DC)(DG)(DG)
;
B0
57 'polydeoxyribonucleotide'
;(DT)(DT)(DT)(DT)(DT)(DT)(DA)(DA)(DA)(DT)(DC)(DA)(DT)(DT)(DC)(DC)(DT)(DT)(DT)(DT)
(DT)(DT)(DT)(DT)(DT)(DT)(DG)(DT)(DG)(DG)(DG)(DA)(DA)(DC)(DA)(DA)(DA)(DC)(DT)(DC)
(DA)(DG)(DG)(DA)(DA)(DA)(DA)(DT)(DA)(DG)(DT)(DA)(DG)(DT)(DG)(DA)(DA)(DA)(DA)
;
B1
58 'polydeoxyribonucleotide'
;(DG)(DC)(DA)(DA)(DC)(DA)(DT)(DG)(DA)(DG)(DG)(DC)(DG)(DG)(DT)(DG)(DA)(DC)(DC)(DG)
(DT)(DA)(DA)(DG)(DC)(DG)(DA)(DG)(DT)(DA)(DC)(DC)(DA)(DC)(DC)(DA)
;
B2
59 'polydeoxyribonucleotide'
;(DT)(DC)(DT)(DT)(DT)(DG)(DA)(DT)(DT)(DA)(DG)(DT)(DA)(DA)(DG)(DA)(DG)(DT)(DC)(DT)
(DG)(DT)(DG)(DG)(DG)(DC)(DG)(DA)(DT)(DC)(DC)(DC)(DA)(DG)(DG)(DC)(DA)(DA)(DC)(DA)
(DA)(DT)(DA)(DA)(DC)(DC)(DC)(DA)
;
B3
60 'polydeoxyribonucleotide'
;(DT)(DT)(DT)(DT)(DT)(DA)(DA)(DC)(DC)(DA)(DG)(DA)(DG)(DG)(DA)(DA)(DT)(DT)(DT)(DT)
(DT)(DT)(DT)(DT)(DT)(DT)(DA)(DA)(DA)(DC)(DG)(DC)(DT)(DC)(DC)(DA)(DT)(DC)(DA)(DC)
(DC)(DT)(DC)(DA)(DT)(DT)(DA)(DG)
;
B4
61 'polydeoxyribonucleotide'
;(DA)(DA)(DT)(DG)(DG)(DT)(DA)(DG)(DC)(DG)(DC)(DC)(DA)(DT)(DA)(DT)(DC)(DG)(DT)(DA)
(DA)(DC)(DA)(DG)(DA)(DA)(DT)(DC)(DA)(DG)(DC)(DA)(DC)(DG)(DT)(DA)(DT)(DA)(DA)(DG)
;
B5
62 'polydeoxyribonucleotide'
;(DG)(DA)(DA)(DA)(DG)(DA)(DG)(DA)(DA)(DC)(DA)(DA)(DT)(DG)(DT)(DT)(DG)(DG)(DG)(DA)
(DA)(DC)(DC)(DA)(DT)(DC)(DA)(DC)(DG)(DG)(DA)(DT)(DT)(DA)(DA)(DA)(DG)(DT)(DT)(DG)
(DC)(DA)(DG)(DC)(DA)(DT)(DT)(DT)(DT)(DT)
;
B6
63 'polydeoxyribonucleotide'
;(DG)(DT)(DT)(DG)(DG)(DT)(DC)(DA)(DT)(DA)(DG)(DC)(DT)(DG)(DT)(DT)(DT)(DC)(DC)(DT)
(DG)(DT)(DG)(DT)(DG)(DA)(DA)(DA)(DA)(DG)(DC)(DC)(DT)(DG)(DT)(DT)(DT)(DT)(DA)(DA)
(DC)(DC)(DA)(DT)
;
B7
64 'polydeoxyribonucleotide'
;(DC)(DC)(DA)(DT)(DC)(DA)(DC)(DC)(DA)(DA)(DA)(DA)(DA)(DC)(DT)(DC)(DC)(DG)(DC)(DT)
(DC)(DA)(DC)(DA)(DA)(DT)(DT)(DC)(DC)(DA)(DC)(DA)(DC)(DT)(DT)(DT)(DT)(DT)(DT)(DT)
;
B8
65 'polydeoxyribonucleotide'
;(DA)(DC)(DA)(DA)(DA)(DA)(DT)(DA)(DA)(DT)(DA)(DT)(DA)(DC)(DG)(DA)(DG)(DC)(DG)(DT)
(DA)(DC)(DT)(DA)(DT)(DG)(DG)(DT)(DT)(DT)(DT)(DT)(DT)(DT)(DT)(DT)(DT)(DT)(DT)(DG)
(DC)(DT)(DT)(DT)(DT)(DG)(DA)(DC)(DG)(DC)(DT)(DT)(DT)(DT)(DT)
;
B9
66 'polydeoxyribonucleotide'
;(DA)(DC)(DG)(DC)(DC)(DA)(DA)(DC)(DC)(DT)(DG)(DA)(DA)(DA)(DG)(DC)(DG)(DT)(DA)(DA)
(DG)(DA)(DA)(DG)(DA)(DT)(DA)(DG)(DA)(DA)(DC)(DA)(DT)(DA)(DT)(DG)(DT)(DA)(DC)(DC)
(DC)(DC)(DG)(DG)(DT)(DT)(DT)(DG)
;
BB
67 'polydeoxyribonucleotide'
;(DA)(DG)(DT)(DC)(DT)(DA)(DC)(DA)(DA)(DA)(DA)(DA)(DG)(DA)(DA)(DC)(DT)(DG)(DT)(DT)
(DG)(DT)(DG)(DA)(DA)(DT)(DT)(DA)(DC)(DC)(DT)(DT)(DA)(DT)(DA)(DG)(DA)(DA)(DA)(DT)
(DT)(DT)(DT)(DT)
;
BC
68 'polydeoxyribonucleotide'
;(DG)(DG)(DC)(DC)(DA)(DA)(DC)(DA)(DG)(DA)(DT)(DA)(DC)(DG)(DT)(DG)(DG)(DT)(DA)(DA)
(DT)(DG)(DC)(DC)(DG)(DG)(DG)(DG)(DA)(DA)(DG)(DA)(DA)(DG)(DG)
;
BD
69 'polydeoxyribonucleotide'
;(DC)(DG)(DA)(DT)(DT)(DA)(DG)(DT)(DC)(DT)(DT)(DT)(DA)(DA)(DT)(DT)(DT)(DT)(DT)(DT)
(DT)(DT)(DT)(DT)(DT)(DG)(DC)(DG)(DC)(DG)(DA)(DA)(DT)(DA)(DT)(DG)(DA)(DT)(DA)(DA)
(DC)(DG)(DG)(DA)(DA)(DC)(DT)(DG)(DA)(DC)(DG)(DA)(DG)(DA)(DA)(DA)(DC)(DA)(DC)(DC)
(DA)(DG)(DT)(DC)(DA)(DA)(DT)(DA)
;
BE
70 'polydeoxyribonucleotide'
;(DC)(DT)(DT)(DG)(DA)(DG)(DA)(DT)(DG)(DG)(DT)(DT)(DT)(DA)(DA)(DA)(DT)(DT)(DA)(DC)
(DC)(DT)(DT)(DA)(DT)(DT)(DT)(DC)(DA)(DA)(DA)(DA)(DT)(DT)(DA)(DA)(DG)(DC)(DT)(DA)
;
BF
71 'polydeoxyribonucleotide'
;(DA)(DA)(DA)(DA)(DC)(DG)(DA)(DG)(DT)(DA)(DG)(DC)(DC)(DG)(DG)(DA)(DG)(DA)(DG)(DT)
(DT)(DC)(DT)(DA)(DG)(DC)(DG)(DA)(DA)(DA)(DA)(DG)(DC)(DC)(DT)(DA)(DA)(DA)(DA)(DG)
(DG)(DG)(DA)(DC)(DA)(DT)(DT)(DC)(DT)
;
BG
72 'polydeoxyribonucleotide'
;(DC)(DA)(DA)(DT)(DT)(DT)(DT)(DT)(DT)(DT)(DT)(DT)(DT)(DA)(DT)(DC)(DA)(DA)(DC)(DG)
(DT)(DA)(DA)(DC)(DA)(DA)(DA)(DG)(DC)(DT)(DG)(DC)(DT)(DC)(DA)(DT)(DT)(DC)(DA)(DG)
(DT)(DA)
;
BH
73 'polydeoxyribonucleotide'
;(DT)(DT)(DT)(DT)(DT)(DA)(DC)(DG)(DA)(DG)(DA)(DC)(DA)(DA)(DA)(DA)(DT)(DT)(DC)(DC)
(DT)(DC)(DA)(DT)(DA)(DT)(DA)(DT)(DT)(DT)(DT)(DA)(DT)(DT)(DT)(DT)(DA)(DT)(DT)(DT)
(DT)(DA)
;
BI
74 'polydeoxyribonucleotide'
;(DT)(DA)(DT)(DG)(DA)(DC)(DC)(DC)(DT)(DG)(DA)(DA)(DA)(DT)(DC)(DG)(DG)(DT)(DC)(DT)
(DG)(DG)(DC)(DC)(DT)(DT)(DA)(DC)(DC)(DT)(DA)(DC)(DA)(DT)(DT)(DT)(DG)(DA)(DC)(DG)
(DA)(DG)(DA)(DG)(DC)(DG)(DG)(DG)(DA)(DG)(DC)(DT)(DA)(DT)(DT)(DT)(DT)(DT)
;
BJ
75 'polydeoxyribonucleotide'
;(DC)(DA)(DT)(DA)(DT)(DC)(DC)(DA)(DA)(DA)(DA)(DG)(DA)(DA)(DA)(DT)(DT)(DA)(DG)(DC)
(DA)(DA)(DC)(DG)(DC)(DA)(DA)(DG)(DG)(DA)(DG)(DT)(DT)(DA)(DA)(DA)(DT)(DC)(DT)(DA)
(DA)(DA)(DT)(DT)
;
BK
76 'polydeoxyribonucleotide'
;(DA)(DT)(DT)(DT)(DT)(DA)(DT)(DC)(DC)(DT)(DC)(DG)(DT)(DT)(DC)(DG)(DT)(DG)(DC)(DA)
(DT)(DC)(DT)(DG)(DG)(DT)(DG)(DT)(DA)(DG)(DC)(DA)(DC)(DC)(DA)(DG)(DC)(DA)(DC)(DT)
(DC)(DA)(DG)(DA)(DG)(DC)(DA)(DA)
;
BL
77 'polydeoxyribonucleotide'
;(DA)(DA)(DT)(DT)(DA)(DT)(DT)(DT)(DT)(DT)(DT)(DT)(DT)(DT)(DT)(DA)(DA)(DA)(DT)(DT)
(DC)(DG)(DC)(DA)(DT)(DT)(DT)(DC)(DG)(DG)(DA)(DT)(DT)(DC)(DA)(DC)(DA)(DG)(DG)(DC)
(DA)(DA)(DT)(DA)(DG)(DC)(DA)(DT)(DT)(DA)(DG)(DG)
;
BM
78 'polydeoxyribonucleotide'
;(DT)(DT)(DT)(DT)(DT)(DT)(DC)(DA)(DA)(DT)(DC)(DG)(DT)(DT)(DG)(DT)(DA)(DC)(DC)(DA)
(DA)(DC)(DC)(DT)(DA)(DA)(DT)(DT)(DT)(DT)(DT)(DT)(DT)(DT)(DT)(DT)(DA)(DA)(DC)(DA)
(DT)(DC)(DG)(DC)(DC)(DA)(DT)(DT)(DA)(DA)(DG)(DA)(DT)(DT)(DT)(DT)(DC)(DG)(DA)(DG)
(DC)(DG)(DG)
;
BN
79 'polydeoxyribonucleotide'
;(DA)(DT)(DC)(DA)(DA)(DA)(DG)(DC)(DG)(DG)(DT)(DA)(DT)(DA)(DT)(DT)(DT)(DT)(DA)(DT)
(DA)(DT)(DA)(DA)(DC)(DA)(DC)(DC)(DT)(DC)(DT)(DT)(DC)(DG)(DC)(DT)(DA)(DT)(DC)(DG)
(DG)(DC)(DC)(DT)(DT)(DG)(DC)(DC)(DT)
;
BO
80 'polydeoxyribonucleotide'
;(DT)(DT)(DT)(DT)(DT)(DA)(DA)(DA)(DA)(DT)(DC)(DA)(DG)(DG)(DT)(DC)(DT)(DT)(DT)(DG)
(DG)(DC)(DA)(DT)(DC)(DA)(DT)(DT)(DT)(DT)(DT)(DT)(DT)(DT)(DT)(DT)(DA)(DT)(DT)(DC)
(DT)(DA)(DC)(DT)(DG)(DA)(DT)(DT)(DT)(DT)(DT)(DT)(DT)(DT)(DT)(DT)(DT)(DC)(DG)(DC)
(DA)(DC)(DT)(DC)(DC)(DA)
;
BP
81 'polydeoxyribonucleotide'
;(DC)(DC)(DC)(DG)(DA)(DA)(DA)(DC)(DA)(DT)(DT)(DT)(DC)(DG)(DG)(DT)(DA)(DG)(DA)(DT)
(DT)(DT)(DG)(DC)(DG)(DC)(DA)(DA)(DC)(DT)(DA)(DT)(DT)(DA)(DC)(DC)(DG)(DC)(DT)(DA)
(DG)(DC)(DA)(DA)(DT)(DA)(DC)(DT)
;
BQ
82 'polydeoxyribonucleotide'
;(DA)(DT)(DT)(DT)(DT)(DT)(DT)(DT)(DA)(DT)(DT)(DT)(DT)(DT)(DA)(DA)(DA)(DT)(DA)(DT)
(DG)(DC)(DT)(DT)(DT)(DT)(DT)(DT)(DT)(DT)(DT)(DT)(DA)(DA)(DC)(DT)(DA)(DA)(DA)(DG)
(DG)(DG)(DA)(DT)(DT)(DT)(DT)(DT)(DT)(DT)(DT)(DT)(DT)(DT)(DG)(DT)(DG)(DC)(DT)(DG)
(DC)(DA)(DA)(DG)
;
BR
83 'polydeoxyribonucleotide'
;(DT)(DT)(DG)(DC)(DT)(DC)(DT)(DT)(DC)(DA)(DT)(DT)(DC)(DC)(DC)(DA)(DT)(DT)(DT)(DG)
(DG)(DG)(DC)(DG)(DG)(DC)(DA)(DC)(DC)(DG)(DC)(DG)(DA)(DC)(DG)(DA)(DC)(DA)(DG)(DT)
(DA)(DA)(DA)(DA)(DC)(DG)(DC)(DG)
;
BS
84 'polydeoxyribonucleotide'
;(DT)(DT)(DT)(DT)(DT)(DG)(DC)(DA)(DA)(DC)(DG)(DC)(DT)(DA)(DG)(DT)(DT)(DT)(DG)(DA)
(DC)(DA)(DT)(DA)(DT)(DC)(DT)(DT)(DT)(DT)(DT)(DT)(DT)(DT)(DT)(DT)(DT)(DG)(DG)(DT)
(DC)(DA)(DG)(DT)(DT)(DG)(DG)(DC)(DA)(DC)(DC)(DG)
;
BT
85 'polydeoxyribonucleotide'
;(DT)(DT)(DT)(DT)(DT)(DG)(DG)(DT)(DC)(DA)(DT)(DT)(DG)(DG)(DA)(DA)(DT)(DT)(DT)(DT)
(DT)(DT)(DT)(DT)(DT)(DT)(DC)(DG)(DG)(DT)(DA)(DA)(DT)(DC)(DG)(DT)(DA)(DA)(DT)(DA)
(DT)(DT)(DT)(DT)(DG)(DT)(DG)(DC)(DA)(DA)(DT)(DG)(DC)(DT)(DT)
;
BU
86 'polydeoxyribonucleotide'
;(DC)(DT)(DA)(DT)(DT)(DT)(DA)(DT)(DG)(DT)(DC)(DA)(DA)(DT)(DC)(DC)(DC)(DT)(DT)(DC)
(DT)(DG)(DA)(DA)(DA)(DC)(DA)(DA)(DG)(DA)(DG)(DA)(DA)(DT)(DC)(DG)(DA)(DT)(DC)(DC)
(DT)(DG)(DA)(DG)
;
BV
87 'polydeoxyribonucleotide'
;(DT)(DT)(DT)(DT)(DT)(DG)(DA)(DA)(DT)(DG)(DG)(DC)(DT)(DA)(DC)(DC)(DA)(DG)(DT)(DA)
(DA)(DA)(DT)(DT)(DG)(DG)(DC)(DA)(DG)(DA)(DT)(DT)(DC)(DA)(DC)(DC)(DA)(DT)(DT)(DT)
(DT)(DT)(DT)(DT)(DT)(DT)(DT)(DG)(DT)(DC)(DA)(DC)(DA)
;
BW
88 'polydeoxyribonucleotide'
;(DG)(DC)(DG)(DT)(DT)(DG)(DA)(DA)(DT)(DG)(DA)(DG)(DT)(DG)(DT)(DA)(DA)(DA)(DG)(DT)
(DG)(DT)(DA)(DA)(DT)(DT)(DG)(DT)(DT)(DA)(DA)(DG)(DG)(DA)(DA)(DG)(DA)(DT)(DG)(DA)
(DT)(DA)(DA)(DT)(DC)(DA)(DT)(DG)
;
BX
89 'polydeoxyribonucleotide'
;(DT)(DT)(DT)(DT)(DT)(DT)(DA)(DC)(DC)(DG)(DG)(DC)(DG)(DC)(DG)(DT)(DA)(DA)(DA)(DC)
(DA)(DA)(DC)(DC)(DC)(DG)(DA)(DA)(DA)(DT)(DT)(DT)(DT)(DT)(DT)(DA)(DA)(DA)(DA)(DA)
(DT)(DT)(DC)(DT)(DG)(DA)(DG)(DT)
;
BY
90 'polydeoxyribonucleotide'
;(DT)(DT)(DT)(DA)(DA)(DC)(DT)(DC)(DG)(DC)(DG)(DT)(DC)(DT)(DT)(DT)(DT)(DT)(DT)(DT)
(DT)(DT)(DT)(DT)(DG)(DA)(DA)(DA)(DT)(DG)(DG)(DA)(DT)(DC)(DA)(DC)(DC)(DA)(DT)(DC)
(DA)(DA)(DC)(DT)(DG)(DT)(DT)(DT)(DT)(DT)(DT)(DT)(DT)(DT)(DT)(DA)(DT)(DA)(DG)(DC)
(DA)(DA)(DA)(DC)(DA)(DT)
;
BZ
91 'polydeoxyribonucleotide'
;(DA)(DA)(DT)(DG)(DT)(DG)(DA)(DT)(DG)(DG)(DG)(DA)(DT)(DA)(DC)(DT)(DG)(DC)(DA)(DG)
(DG)(DT)(DA)(DC)(DG)(DG)(DC)(DC)(DA)(DG)(DT)(DT)(DT)(DT)(DT)(DC)(DT)(DT)(DC)(DT)
(DT)(DC)(DA)(DC)(DC)(DG)(DG)(DC)
;
Ba
92 'polydeoxyribonucleotide'
;(DG)(DC)(DC)(DA)(DG)(DG)(DG)(DC)(DG)(DC)(DC)(DG)(DG)(DA)(DA)(DG)(DC)(DA)(DA)(DG)
(DC)(DT)(DA)(DA)(DC)(DT)(DT)(DT)(DT)(DT)(DT)(DT)(DT)(DT)(DT)(DT)(DC)(DA)(DC)(DA)
(DT)(DT)(DA)(DA)(DG)(DT)(DG)(DT)(DT)(DT)(DT)(DT)(DT)(DT)(DT)(DT)(DT)(DG)(DA)(DC)
(DT)(DC)(DC)(DA)(DA)(DC)(DG)(DT)
;
Bb
93 'polydeoxyribonucleotide'
;(DC)(DA)(DA)(DA)(DG)(DG)(DG)(DC)(DG)(DG)(DG)(DT)(DG)(DC)(DC)(DT)(DC)(DG)(DC)(DT)
(DC)(DA)(DC)(DT)(DG)(DC)(DT)(DT)(DA)(DA)(DT)(DG)(DT)(DT)(DG)(DC)(DA)(DT)(DG)(DC)
(DG)(DG)(DT)(DC)(DA)(DC)(DG)(DT)(DT)(DG)
;
Bc
94 'polydeoxyribonucleotide'
;(DT)(DT)(DT)(DT)(DT)(DA)(DC)(DG)(DT)(DG)(DG)(DC)(DA)(DA)(DC)(DA)(DG)(DC)(DT)(DG)
(DA)(DG)(DA)(DA)(DG)(DT)(DT)(DT)(DT)(DC)(DC)(DT)(DT)(DT)(DT)(DT)(DT)(DT)(DT)(DT)
(DT)(DC)(DA)(DG)(DT)(DC)(DA)(DC)(DG)(DA)(DC)(DG)(DT)(DT)(DG)(DT)
;
Bd
95 'polydeoxyribonucleotide'
;(DG)(DA)(DC)(DT)(DT)(DC)(DT)(DG)(DG)(DT)(DC)(DG)(DG)(DT)(DA)(DC)(DG)(DC)(DA)(DG)
(DG)(DC)(DC)(DA)(DC)(DC)(DA)(DT)(DT)(DT)(DA)(DG)(DA)(DG)(DC)(DT)(DT)(DG)(DA)(DC)
(DG)(DG)(DC)(DT)(DA)(DA)(DA)(DG)
;
Be
96 'polydeoxyribonucleotide'
;(DA)(DT)(DT)(DG)(DT)(DT)(DG)(DT)(DT)(DC)(DC)(DG)(DG)(DC)(DC)(DA)(DA)(DC)(DC)(DA)
(DG)(DG)(DG)(DT)(DG)(DG)(DT)(DG)(DC)(DC)(DA)(DA)(DG)(DC)(DG)(DA)(DC)(DA)(DG)(DG)
(DA)(DA)(DG)(DC)(DC)(DG)(DG)(DA)
;
Bf
97 'polydeoxyribonucleotide'
;(DT)(DT)(DA)(DG)(DG)(DA)(DG)(DG)(DC)(DC)(DC)(DA)(DA)(DA)(DT)(DT)(DA)(DA)(DC)(DC)
(DG)(DT)(DT)(DT)(DT)(DT)(DT)(DT)(DT)(DT)(DT)(DT)(DT)(DG)(DC)(DA)(DG)(DC)(DC)(DA)
(DT)(DT)(DT)(DT)(DT)(DT)(DT)
;
Bg
98 'polydeoxyribonucleotide'
;(DG)(DA)(DG)(DT)(DA)(DG)(DA)(DA)(DG)(DG)(DT)(DT)(DG)(DG)(DG)(DT)(DA)(DA)(DC)(DG)
(DC)(DC)(DT)(DT)(DT)(DT)(DT)(DT)(DT)(DT)(DT)(DT)(DA)(DG)(DG)(DG)(DT)(DG)(DT)(DT)
(DT)(DT)(DT)(DA)(DT)(DC)(DC)(DA)
;
Bh
99 'polydeoxyribonucleotide'
;(DA)(DT)(DT)(DA)(DC)(DG)(DA)(DA)(DT)(DC)(DA)(DG)(DT)(DG)(DC)(DA)(DG)(DA)(DA)(DT)
(DC)(DC)(DT)(DG)(DA)(DT)(DT)(DG)(DC)(DC)(DT)(DT)(DC)(DA)(DC)(DC)(DA)(DG)(DG)(DT)
(DC)(DG)(DA)(DG)(DG)(DT)(DA)(DT)(DC)(DA)(DC)(DC)(DC)(DA)(DA)(DA)(DT)(DC)(DA)(DA)
(DG)(DT)(DT)(DT)(DT)(DT)(DT)
;
Bi
100 'polydeoxyribonucleotide'
;(DA)(DG)(DC)(DG)(DA)(DA)(DA)(DT)(DC)(DG)(DC)(DC)(DT)(DG)(DG)(DC)(DC)(DC)(DT)(DT)
(DG)(DC)(DC)(DC)(DC)(DA)(DG)(DA)(DG)(DT)(DA)(DA)(DA)(DA)(DT)(DA)(DA)(DC)(DA)(DT)
(DC)(DA)(DC)(DT)(DT)
;
Bj
101 'polydeoxyribonucleotide'
;(DA)(DA)(DC)(DC)(DT)(DA)(DA)(DG)(DG)(DG)(DT)(DT)(DT)(DT)(DT)(DT)(DT)(DT)(DT)(DT)
(DA)(DA)(DG)(DA)(DA)(DA)(DG)(DC)(DG)(DA)(DA)(DA)(DG)(DG)(DT)(DC)(DA)(DC)(DG)(DC)
(DT)(DA)(DG)(DC)(DT)(DC)(DT)(DT)(DT)(DT)(DT)(DT)(DT)(DT)(DT)(DT)(DG)(DA)(DA)(DT)
(DT)(DC)(DG)(DT)(DA)(DA)(DT)
;
Bk
102 'polydeoxyribonucleotide'
;(DC)(DA)(DG)(DT)(DG)(DT)(DA)(DG)(DC)(DG)(DG)(DA)(DG)(DC)(DG)(DG)(DG)(DC)(DG)(DC)
(DT)(DA)(DG)(DG)(DG)(DC)(DG)(DA)(DA)(DA)(DA)(DA)(DC)(DC)(DA)(DA)(DC)(DA)(DA)(DG)
(DA)(DG)(DT)(DC)(DC)(DA)(DC)(DT)
;
Bl
103 'polydeoxyribonucleotide'
;(DA)(DA)(DC)(DC)(DC)(DG)(DC)(DC)(DG)(DC)(DG)(DC)(DC)(DC)(DG)(DC)(DT)(DT)(DT)(DA)
(DA)(DT)(DG)(DA)(DA)(DT)(DC)(DA)(DG)(DT)(DT)(DT)(DG)(DG)(DC)(DC)(DT)(DT)(DA)(DT)
(DA)(DA)(DA)(DT)(DC)(DA)(DA)(DA)
;
Bm
104 'polydeoxyribonucleotide'
;(DT)(DT)(DT)(DT)(DT)(DT)(DT)(DT)(DT)(DT)(DG)(DG)(DG)(DT)(DG)(DA)(DG)(DA)(DC)(DG)
(DG)(DG)(DC)(DG)(DA)(DG)(DT)(DT)(DT)(DT)(DT)(DT)(DT)(DT)(DT)(DT)(DA)(DA)(DA)(DG)
(DG)(DG)(DT)(DC)(DG)(DT)(DG)(DC)(DC)(DG)(DA)(DG)(DG)(DA)(DT)(DC)(DC)(DC)(DC)(DG)
(DG)(DG)(DT)(DT)(DT)(DT)(DT)
;
Bn
105 'polydeoxyribonucleotide'
;(DA)(DC)(DT)(DC)(DT)(DA)(DA)(DG)(DC)(DT)(DG)(DC)(DA)(DT)(DT)(DC)(DC)(DA)(DG)(DT)
(DC)(DG)(DC)(DG)(DT)(DG)(DA)(DA)(DC)(DC)(DG)(DT)(DC)(DT)(DA)(DT)(DC)(DA)(DG)(DG)
(DG)(DC)(DG)(DA)(DT)(DG)(DT)(DT)(DT)(DT)(DT)(DT)(DT)(DT)(DT)(DT)(DG)(DC)(DC)(DC)
(DA)(DC)(DT)(DA)(DG)(DG)(DA)
;
Bo
106 'polydeoxyribonucleotide'
;(DA)(DA)(DA)(DA)(DT)(DC)(DA)(DG)(DC)(DC)(DC)(DC)(DC)(DG)(DG)(DC)(DA)(DG)(DG)(DC)
(DG)(DA)(DA)(DA)(DA)(DT)(DC)(DC)(DT)(DG)(DA)(DC)(DG)(DC)(DT)(DG)(DG)(DT)(DT)(DG)
(DA)(DG)(DA)(DG)(DA)(DG)(DG)(DG)
;
Bp
107 'polydeoxyribonucleotide'
;(DA)(DG)(DG)(DC)(DG)(DG)(DT)(DT)(DT)(DT)(DT)(DT)(DT)(DT)(DT)(DT)(DT)(DT)(DT)(DG)
(DC)(DG)(DT)(DA)(DG)(DA)(DG)(DT)(DT)(DT)(DT)(DT)(DT)(DT)(DT)(DT)(DT)(DA)(DT)(DA)
(DG)(DG)(DG)(DT)(DT)(DG)(DA)(DG)(DT)(DA)(DA)(DA)(DG)(DA)(DA)(DC)(DT)(DT)
;
Bq
108 'polydeoxyribonucleotide'
;(DT)(DT)(DT)(DT)(DT)(DA)(DG)(DC)(DG)(DG)(DT)(DC)(DC)(DT)(DT)(DT)(DT)(DT)(DT)(DT)
(DT)(DT)(DT)(DT)(DT)(DT)(DG)(DA)(DT)(DG)(DG)(DT)(DG)(DG)(DT)(DT)(DC)(DA)(DA)(DT)
(DA)(DG)(DC)(DC)(DC)(DT)(DT)(DG)(DG)(DG)(DC)
;
Br
109 'polydeoxyribonucleotide'
;(DG)(DG)(DG)(DC)(DC)(DG)(DT)(DA)(DA)(DA)(DG)(DC)(DA)(DC)(DT)(DA)(DA)(DA)(DT)(DT)
(DT)(DT)(DT)(DT)(DT)(DT)(DT)(DT)(DT)(DC)(DG)(DG)(DA)(DA)(DC)(DC)(DG)(DG)(DA)(DA)
(DA)(DG)(DC)(DC)(DG)(DG)(DC)(DG)(DA)(DT)(DT)(DT)(DT)(DT)
;
Bs
110 'polydeoxyribonucleotide'
;(DT)(DC)(DG)(DA)(DC)(DT)(DG)(DG)(DA)(DT)(DA)(DG)(DC)(DG)(DT)(DC)(DC)(DA)(DT)(DT)
(DT)(DT)(DT)(DT)(DT)(DT)(DT)(DT)(DA)(DT)(DA)(DC)(DT)(DG)(DC)(DG)(DA)(DA)(DA)(DT)
(DG)
;
C0
111 'polydeoxyribonucleotide'
;(DG)(DA)(DT)(DC)(DA)(DA)(DG)(DA)(DA)(DA)(DA)(DA)(DT)(DG)(DA)(DT)(DT)(DT)(DT)(DT)
(DT)(DT)(DT)(DT)(DT)(DC)(DC)(DA)(DT)(DA)(DT)(DG)(DA)(DA)(DT)(DA)(DA)(DT)(DA)(DC)
(DA)(DT)(DC)(DC)(DA)(DA)(DT)(DT)(DT)(DT)(DT)
;
C1
112 'polydeoxyribonucleotide'
;(DA)(DA)(DA)(DA)(DT)(DA)(DG)(DT)(DT)(DG)(DC)(DT)(DA)(DT)(DC)(DC)(DT)(DT)(DA)(DT)
(DC)(DA)(DC)(DT)(DC)(DA)(DT)(DC)(DG)(DA)(DA)(DT)(DA)(DA)(DT)(DA)(DT)(DC)(DG)(DT)
(DC)(DA)(DG)(DA)(DA)(DG)(DC)(DA)(DA)(DT)(DA)(DT)(DA)(DA)(DC)(DT)
;
C2
113 'polydeoxyribonucleotide'
;(DC)(DC)(DC)(DA)(DA)(DT)(DC)(DC)(DA)(DA)(DA)(DT)(DA)(DA)(DG)(DA)(DA)(DA)(DC)(DT)
(DG)(DA)(DA)(DT)(DC)(DT)(DA)(DA)(DA)(DA)(DT)(DC)(DT)(DC)(DC)(DA)(DT)(DC)(DG)(DT)
(DA)(DG)(DC)(DC)(DG)(DC)(DT)(DT)
;
C3
114 'polydeoxyribonucleotide'
;(DG)(DG)(DT)(DA)(DA)(DA)(DG)(DT)(DA)(DA)(DT)(DT)(DC)(DG)(DC)(DT)(DA)(DA)(DT)(DG)
(DC)(DA)(DG)(DA)(DA)(DC)(DG)(DC)(DG)(DC)(DC)(DT)(DT)(DT)(DT)(DT)(DT)(DT)(DT)(DT)
(DT)(DT)(DG)(DT)(DT)(DT)(DA)(DT)(DC)(DA)(DA)(DC)(DA)(DT)(DA)(DT)(DA)(DC)(DT)(DT)
(DC)(DA)(DA)(DT)(DC)(DA)(DT)(DT)(DT)(DT)(DT)
;
C4
115 'polydeoxyribonucleotide'
;(DT)(DA)(DC)(DG)(DA)(DG)(DG)(DC)(DC)(DA)(DG)(DA)(DT)(DA)(DC)(DA)(DA)(DG)(DG)(DA)
(DC)(DG)(DT)(DT)(DG)(DA)(DG)(DA)(DG)(DG)(DG)(DT)(DT)(DA)(DA)(DA)(DG)(DA)(DT)(DT)
(DC)(DA)(DA)(DA)(DT)(DA)(DT)(DT)(DA)(DG)(DC)(DT)(DC)(DA)(DT)(DT)(DG)(DC)(DT)(DG)
(DG)(DC)
;
C5
116 'polydeoxyribonucleotide'
;(DT)(DT)(DT)(DA)(DA)(DG)(DA)(DG)(DG)(DA)(DA)(DT)(DA)(DT)(DT)(DC)(DC)(DT)(DA)(DA)
(DT)(DG)(DA)(DA)(DA)(DA)(DG)(DA)(DA)(DC)(DG)(DA)(DA)(DC)(DA)(DT)(DG)(DG)(DG)(DC)
(DG)(DC)(DC)(DC)(DT)(DG)(DT)(DA)
;
C6
117 'polydeoxyribonucleotide'
;(DG)(DA)(DT)(DA)(DT)(DA)(DG)(DA)(DT)(DT)(DT)(DT)(DG)(DC)(DA)(DA)(DT)(DC)(DC)(DT)
(DT)(DT)(DG)(DA)(DT)(DT)(DT)(DA)(DG)(DA)(DA)(DG)(DT)(DA)(DT)(DT)(DA)(DG)(DA)(DC)
(DT)(DT)(DT)(DA)(DC)(DA)(DT)(DT)(DA)(DG)(DT)(DA)
;
C7
118 'polydeoxyribonucleotide'
;(DC)(DG)(DA)(DA)(DA)(DG)(DC)(DC)(DT)(DG)(DC)(DA)(DA)(DT)(DA)(DG)(DT)(DG)(DT)(DT)
(DC)(DA)(DT)(DT)(DT)(DG)(DA)(DT)(DT)(DT)(DC)(DA)(DA)(DC)(DT)(DG)(DT)(DG)(DT)(DA)
(DG)(DG)(DA)(DG)
;
C8
119 'polydeoxyribonucleotide'
;(DG)(DC)(DG)(DA)(DT)(DT)(DA)(DA)(DT)(DA)(DG)(DC)(DT)(DC)(DA)(DA)(DC)(DT)(DG)(DG)
(DA)(DA)(DG)(DT)(DC)(DT)(DT)(DT)(DT)(DG)(DA)(DT)(DC)(DT)(DA)(DT)(DT)(DA)(DT)(DA)
(DC)(DC)(DA)(DT)(DC)(DC)(DT)(DA)(DG)(DT)(DC)(DC)(DT)(DG)
;
CB
120 'polydeoxyribonucleotide'
;(DG)(DC)(DT)(DG)(DG)(DT)(DA)(DA)(DT)(DA)(DT)(DC)(DC)(DG)(DA)(DA)(DT)(DT)(DG)(DA)
(DG)(DC)(DC)(DA)(DA)(DT)(DT)(DC)(DT)(DA)(DG)(DG)(DT)(DC)(DA)(DG)(DG)(DA)(DA)(DA)
(DA)(DA)(DG)(DA)(DT)(DG)(DC)
;
CC
121 'polydeoxyribonucleotide'
;(DA)(DT)(DC)(DG)(DG)(DC)(DC)(DG)(DG)(DC)(DG)(DG)(DA)(DT)(DT)(DC)(DA)(DG)(DT)(DA)
(DT)(DT)(DG)(DG)(DC)(DA)(DA)(DA)(DG)(DA)(DG)(DA)(DT)(DG)(DA)(DT)(DG)(DA)(DT)(DT)
(DA)(DA)(DC)(DA)(DA)(DT)(DA)(DA)
;
CD
122 'polydeoxyribonucleotide'
;(DG)(DT)(DA)(DA)(DT)(DT)(DA)(DA)(DT)(DA)(DA)(DA)(DG)(DA)(DC)(DA)(DG)(DA)(DG)(DG)
(DC)(DG)(DA)(DT)(DA)(DA)(DA)(DG)(DC)(DT)(DT)(DA)(DA)(DT)(DA)(DC)(DT)(DT)(DC)(DG)
;
CE
123 'polydeoxyribonucleotide'
;(DC)(DC)(DA)(DG)(DT)(DT)(DC)(DT)(DG)(DA)(DG)(DA)(DG)(DC)(DT)(DG)(DT)(DT)(DT)(DA)
(DG)(DC)(DA)(DT)(DT)(DG)(DC)(DA)(DT)(DC)(DA)(DT)(DT)(DA)(DG)(DA)(DG)(DA)(DA)(DA)
;
CF
124 'polydeoxyribonucleotide'
;(DG)(DC)(DC)(DG)(DA)(DA)(DA)(DG)(DG)(DG)(DT)(DA)(DC)(DG)(DG)(DT)(DG)(DT)(DC)(DA)
(DT)(DG)(DT)(DT)(DT)(DT)(DG)(DC)(DG)(DG)(DA)(DT)(DG)(DG)(DC)(DT)(DT)(DA)(DG)(DA)
(DG)(DC)(DT)(DT)
;
CG
125 'polydeoxyribonucleotide'
;(DA)(DA)(DG)(DG)(DT)(DG)(DC)(DG)(DG)(DG)(DG)(DT)(DT)(DG)(DA)(DT)(DT)(DC)(DG)(DA)
(DA)(DG)(DG)(DT)(DT)(DA)(DC)(DT)(DT)(DT)(DA)(DG)(DG)(DA)(DG)(DC)(DA)(DC)(DT)(DA)
(DA)(DC)(DG)(DT)(DT)(DT)(DT)(DA)
;
CH
126 'polydeoxyribonucleotide'
;(DA)(DA)(DT)(DC)(DG)(DT)(DC)(DC)(DG)(DG)(DA)(DT)(DA)(DT)(DA)(DA)(DT)(DA)(DA)(DC)
(DG)(DG)(DA)(DC)(DT)(DG)(DA)(DC)(DC)(DA)(DG)(DA)(DC)(DG)(DG)(DT)(DC)(DA)(DG)(DT)
(DT)(DA)(DC)(DT)
;
CI
127 'polydeoxyribonucleotide'
;(DC)(DA)(DA)(DA)(DT)(DA)(DT)(DT)(DT)(DT)(DT)(DT)(DT)(DT)(DT)(DT)(DT)(DT)(DT)(DC)
(DA)(DA)(DA)(DC)(DC)(DC)(DT)(DC)(DA)(DA)(DT)(DC)(DA)(DT)(DG)(DC)(DT)(DG)(DA)(DA)
(DC)(DA)(DC)(DC)(DA)(DG)(DA)(DA)(DG)(DA)(DG)(DG)(DT)(DT)(DT)(DA)(DA)(DA)(DT)
;
CJ
128 'polydeoxyribonucleotide'
;(DC)(DA)(DA)(DC)(DA)(DT)(DA)(DA)(DT)(DA)(DA)(DA)(DG)(DC)(DG)(DA)(DA)(DG)(DA)(DT)
(DA)(DA)(DT)(DT)(DG)(DC)(DA)(DC)(DG)(DT)(DG)(DA)(DT)(DG)(DA)(DT)(DG)(DG)(DC)(DA)
(DT)(DC)(DG)(DG)(DA)(DA)(DG)(DT)
;
CK
129 'polydeoxyribonucleotide'
;(DA)(DA)(DC)(DG)(DA)(DA)(DC)(DT)(DT)(DT)(DT)(DT)(DC)(DA)(DA)(DA)(DT)(DT)(DG)(DA)
(DG)(DA)(DC)(DG)(DT)(DC)(DA)(DG)(DA)(DT)(DG)(DA)(DT)(DT)(DG)(DC)(DT)(DT)(DT)(DG)
(DA)(DA)(DT)(DA)(DC)(DC)(DA)(DA)
;
CL
130 'polydeoxyribonucleotide'
;(DT)(DT)(DT)(DT)(DT)(DA)(DG)(DG)(DT)(DA)(DG)(DA)(DA)(DA)(DG)(DA)(DT)(DT)(DC)(DA)
(DT)(DC)(DA)(DG)(DT)(DA)(DC)(DC)(DA)(DG)(DA)(DC)(DG)(DA)(DC)(DG)(DA)(DT)(DT)(DT)
(DT)(DT)(DT)(DT)(DT)(DT)(DT)(DT)(DA)(DA)(DA)(DA)(DA)(DC)
;
CM
131 'polydeoxyribonucleotide'
;(DC)(DA)(DA)(DA)(DA)(DT)(DA)(DG)(DC)(DG)(DA)(DG)(DA)(DG)(DG)(DC)(DT)(DT)(DT)(DT)
(DG)(DC)(DG)(DT)(DT)(DA)(DA)(DT)(DA)(DA)(DT)(DA)(DG)(DG)(DA)(DA)(DT)(DA)(DA)(DT)
(DA)
;
CN
132 'polydeoxyribonucleotide'
;(DT)(DA)(DT)(DA)(DA)(DG)(DC)(DA)(DA)(DA)(DA)(DG)(DG)(DG)(DG)(DA)(DA)(DG)(DC)(DC)
(DT)(DT)(DT)(DT)(DT)(DT)(DT)(DA)(DA)(DT)(DA)(DT)(DT)(DT)(DC)(DA)(DA)(DT)(DC)(DA)
(DT)(DA)(DT)(DG)(DC)(DG)(DG)(DG)
;
CO
133 'polydeoxyribonucleotide'
;(DC)(DA)(DA)(DA)(DA)(DC)(DG)(DT)(DT)(DA)(DA)(DA)(DA)(DC)(DT)(DA)(DG)(DC)(DT)(DT)
(DG)(DA)(DG)(DA)(DG)(DA)(DT)(DC)(DT)(DG)(DG)(DA)(DG)(DC)(DT)(DC)(DA)(DT)(DT)(DG)
(DA)(DA)(DT)(DC)(DC)(DC)(DC)(DC)(DT)(DC)(DG)(DA)(DA)(DT)(DC)(DG)
;
CP
134 'polydeoxyribonucleotide'
;(DA)(DA)(DC)(DT)(DT)(DT)(DT)(DT)(DT)(DT)(DT)(DT)(DT)(DA)(DA)(DT)(DT)(DC)(DG)(DA)
(DC)(DA)(DA)(DC)(DT)(DT)(DT)(DT)(DA)(DA)(DA)(DA)(DC)(DA)(DT)(DC)(DG)(DC)
;
CQ
135 'polydeoxyribonucleotide'
;(DA)(DA)(DC)(DC)(DC)(DT)(DC)(DG)(DT)(DT)(DT)(DT)(DG)(DA)(DG)(DA)(DT)(DT)(DA)(DA)
(DC)(DG)(DA)(DA)(DC)(DT)(DA)(DT)(DT)(DC)(DA)(DA)(DC)(DC)(DC)(DA)(DG)(DT)(DC)(DA)
(DA)(DA)(DT)(DT)(DA)(DT)(DT)(DT)
;
CR
136 'polydeoxyribonucleotide'
;(DT)(DT)(DT)(DA)(DT)(DC)(DA)(DA)(DA)(DA)(DT)(DC)(DA)(DT)(DA)(DG)(DG)(DT)(DC)(DT)
(DT)(DT)(DT)(DT)(DT)(DT)(DT)(DT)(DT)(DT)(DG)(DA)(DG)(DA)(DG)(DA)(DC)(DT)(DA)(DC)
(DC)(DT)(DA)(DT)(DA)(DA)(DG)(DG)
;
CS
137 'polydeoxyribonucleotide'
;(DG)(DT)(DT)(DT)(DT)(DA)(DG)(DT)(DA)(DT)(DT)(DA)(DC)(DC)(DT)(DG)(DA)(DG)(DA)(DA)
(DA)(DA)(DT)(DT)(DA)(DT)(DA)(DA)(DC)(DA)(DG)(DA)(DG)(DG)(DG)(DT)(DG)(DC)(DC)(DA)
(DC)(DG)(DT)(DG)(DA)(DG)(DG)(DG)
;
CT
138 'polydeoxyribonucleotide'
;(DA)(DT)(DA)(DA)(DA)(DT)(DC)(DA)(DC)(DA)(DG)(DA)(DC)(DA)(DC)(DC)(DA)(DC)(DA)(DT)
(DT)(DC)(DA)(DA)(DC)(DT)(DA)(DA)(DT)(DG)(DA)(DT)
;
CU
139 'polydeoxyribonucleotide'
;(DC)(DG)(DA)(DA)(DC)(DG)(DT)(DT)(DA)(DT)(DT)(DA)(DA)(DT)(DC)(DG)(DT)(DA)(DT)(DT)
(DA)(DT)(DA)(DA)(DA)(DC)(DA)(DA)(DC)(DT)(DG)(DA)(DA)(DT)(DT)(DT)(DT)(DG)(DT)(DC)
(DG)(DT)(DC)(DT)(DT)(DT)(DC)(DC)(DA)(DG)(DA)(DC)(DG)
;
CV
140 'polydeoxyribonucleotide'
;(DG)(DT)(DT)(DT)(DT)(DT)(DT)(DT)(DT)(DT)(DG)(DT)(DT)(DT)(DG)(DA)(DG)(DT)(DA)(DA)
(DC)(DA)(DT)(DT)(DT)(DA)(DC)(DC)(DT)(DT)(DT)(DT)(DG)(DA)(DG)(DG)(DC)(DG)
;
CW
141 'polydeoxyribonucleotide'
;(DG)(DC)(DT)(DG)(DG)(DC)(DA)(DG)(DC)(DT)(DT)(DT)(DC)(DG)(DC)(DG)(DC)(DG)(DA)(DG)
(DC)(DA)(DA)(DC)(DA)(DC)(DC)(DG)(DC)(DT)(DC)(DC)(DT)(DG)(DA)(DT)(DT)(DT)(DA)(DG)
(DA)(DA)(DC)(DC)(DT)(DG)(DA)
;
CX
142 'polydeoxyribonucleotide'
;(DT)(DA)(DG)(DA)(DA)(DC)(DA)(DA)(DT)(DT)(DA)(DC)(DA)(DT)(DA)(DA)(DC)(DA)(DA)(DA)
(DC)(DA)(DA)(DT)(DC)(DA)(DT)(DA)(DA)(DT)(DA)(DG)(DT)(DA)(DC)(DC)(DG)(DA)(DC)(DA)
(DA)(DA)(DA)
;
CY
143 'polydeoxyribonucleotide'
;(DG)(DA)(DT)(DG)(DA)(DG)(DA)(DA)(DA)(DG)(DG)(DT)(DA)(DA)(DA)(DT)(DT)(DG)(DA)(DA)
(DA)(DT)(DC)(DT)(DA)(DC)(DA)(DA)(DA)(DA)(DG)(DA)(DA)(DG)(DA)(DG)(DC)(DA)(DA)(DC)
(DA)(DC)(DT)(DA)(DT)(DC)(DA)(DT)
;
CZ
144 'polydeoxyribonucleotide'
;(DT)(DA)(DT)(DG)(DT)(DG)(DA)(DG)(DT)(DG)(DA)(DA)(DG)(DT)(DT)(DA)(DC)(DA)(DA)(DG)
(DC)(DC)(DA)(DA)(DC)(DG)(DA)(DT)(DT)(DT)(DA)(DA)(DC)(DA)(DT)(DA)(DA)(DA)(DT)(DT)
(DG)(DT)(DA)(DA)
;
Cb
145 'polydeoxyribonucleotide'
;(DA)(DC)(DA)(DT)(DT)(DT)(DT)(DT)(DT)(DT)(DT)(DT)(DT)(DT)(DC)(DG)(DG)(DG)(DA)(DG)
(DA)(DA)(DA)(DC)(DT)(DC)(DA)(DT)(DT)(DA)(DC)(DC)(DG)(DT)(DA)(DA)(DT)(DC)(DT)(DT)
(DG)(DA)(DC)(DA)(DA)(DG)(DA)(DA)(DC)(DT)(DG)(DA)(DC)(DC)(DT)(DT)(DG)(DT)(DA)(DC)
(DA)(DG)
;
Cc
146 'polydeoxyribonucleotide'
;(DA)(DA)(DT)(DT)(DT)(DA)(DA)(DT)(DC)(DA)(DG)(DC)(DT)(DC)(DA)(DT)(DT)(DA)(DA)(DA)
(DT)(DG)(DT)(DT)(DT)(DA)(DA)(DT)(DA)(DA)(DA)(DT)(DA)(DT)(DA)(DA)(DA)(DG)(DG)(DA)
(DA)(DT)
;
Cd
147 'polydeoxyribonucleotide'
;(DC)(DA)(DC)(DA)(DG)(DA)(DG)(DC)(DC)(DT)(DA)(DA)(DG)(DG)(DA)(DA)(DT)(DT)(DA)(DG)
(DC)(DA)(DA)(DA)(DT)(DC)(DT)(DT)(DC)(DG)(DG)(DT)(DC)(DG)(DG)(DT)(DT)(DT)(DT)(DA)
(DA)(DT)(DA)(DA)(DG)(DA)(DA)(DA)(DC)(DC)(DC)(DT)
;
Ce
148 'polydeoxyribonucleotide'
;(DG)(DG)(DT)(DA)(DC)(DC)(DC)(DT)(DG)(DA)(DA)(DA)(DG)(DA)(DG)(DG)(DT)(DC)(DT)(DA)
(DA)(DA)(DC)(DC)(DA)(DA)(DT)(DT)(DA)(DT)(DT)(DT)(DT)(DT)(DT)(DT)(DT)(DT)(DT)(DA)
(DA)(DT)(DC)(DA)(DA)(DG)(DA)(DT)
;
Cf
149 'polydeoxyribonucleotide'
;(DC)(DA)(DA)(DC)(DT)(DT)(DT)(DG)(DA)(DA)(DA)(DG)(DA)(DG)(DG)(DT)(DT)(DT)(DT)(DT)
(DT)(DT)(DT)(DT)(DT)(DA)(DC)(DA)(DG)(DA)(DT)(DG)(DA)(DA)(DC)(DG)(DG)(DT)(DC)(DA)
(DT)(DC)(DA)(DA)(DG)(DA)
;
Cg
150 'polydeoxyribonucleotide'
;(DA)(DT)(DA)(DG)(DA)(DC)(DT)(DT)(DC)(DA)(DA)(DC)(DC)(DA)(DG)(DA)(DC)(DC)(DA)(DC)
(DC)(DG)(DC)(DG)(DC)(DC)(DT)(DC)(DC)(DG)(DG)(DT)(DA)(DT)(DC)(DT)(DA)(DA)(DC)(DG)
(DA)(DG)(DC)(DG)(DT)(DC)(DT)
;
Ch
151 'polydeoxyribonucleotide'
;(DC)(DT)(DT)(DT)(DA)(DA)(DA)(DC)(DA)(DG)(DT)(DT)(DC)(DG)(DC)(DG)(DA)(DT)(DT)(DT)
(DT)(DG)(DG)(DC)(DT)(DA)(DT)(DC)(DA)
;
Ck
152 'polydeoxyribonucleotide'
;(DT)(DT)(DT)(DG)(DA)(DG)(DT)(DC)(DG)(DA)(DG)(DC)(DT)(DT)(DC)(DA)(DA)(DA)(DG)(DC)
(DG)(DA)(DA)(DA)(DT)(DA)(DT)(DC)(DG)(DC)(DC)(DT)(DG)(DA)(DG)(DG)(DC)(DT)(DA)(DC)
(DT)(DA)(DA)(DA)(DG)(DA)(DA)(DG)
;
Cp
153 'polydeoxyribonucleotide'
;(DA)(DG)(DT)(DA)(DA)(DG)(DT)(DT)(DT)(DT)(DG)(DC)(DC)(DA)(DG)(DA)(DG)(DG)(DG)(DG)
(DG)(DT)(DA)(DA)(DT)(DA)(DG)(DT)(DA)(DA)(DT)(DA)(DC)(DC)(DA)(DG)(DT)(DC)(DT)(DA)
;
Cq
154 'polydeoxyribonucleotide'
;(DC)(DC)(DA)(DA)(DA)(DC)(DG)(DG)(DG)(DT)(DA)(DA)(DA)(DA)(DT)(DT)(DT)(DT)(DT)(DT)
(DT)(DT)(DT)(DT)(DT)(DA)(DC)(DG)(DT)(DA)(DA)(DT)(DG)(DC)(DC)(DA)(DC)(DT)(DG)(DC)
(DC)(DG)(DG)(DA)(DA)(DC)
;
Cr
155 'polydeoxyribonucleotide'
;(DG)(DG)(DT)(DG)(DA)(DA)(DG)(DT)(DT)(DA)(DA)(DA)(DG)(DG)(DG)(DA)(DA)(DT)(DC)(DA)
(DT)(DT)(DG)(DG)(DA)(DA)(DG)(DC)(DA)(DA)(DG)(DA)(DT)(DT)(DA)(DG)(DA)(DG)(DA)(DA)
(DT)(DC)(DA)(DA)(DC)(DA)(DG)(DT)(DT)
;
Cs
156 'polydeoxyribonucleotide'
;(DG)(DC)(DG)(DT)(DA)(DC)(DC)(DT)(DT)(DT)(DT)(DG)(DA)(DA)(DA)(DT)(DA)(DT)(DT)(DC)
(DT)(DA)(DA)(DA)(DT)(DA)(DT)(DA)(DA)(DT)(DG)(DC)(DT)(DG)(DA)(DA)(DC)(DT)(DC)(DA)
(DA)(DA)(DC)(DT)
;
Ct
157 'polydeoxyribonucleotide'
;(DA)(DA)(DC)(DA)(DT)(DA)(DC)(DA)(DG)(DT)(DA)(DT)(DA)(DA)(DA)(DA)(DA)(DT)(DC)(DG)
(DC)(DG)(DA)(DA)(DT)(DT)(DG)(DC)(DG)(DT)(DA)(DA)(DA)(DA)(DT)(DA)(DC)(DC)(DA)(DT)
(DC)(DT)(DA)(DA)(DA)(DG)(DA)(DT)(DG)(DG)(DA)(DA)(DA)(DT)(DT)(DC)(DG)(DC)(DC)(DA)
;
Cu
158 'polydeoxyribonucleotide'
;(DT)(DA)(DA)(DT)(DT)(DT)(DT)(DG)(DC)(DT)(DT)(DC)(DT)(DG)(DT)(DG)(DA)(DA)(DT)(DA)
(DA)(DG)(DG)(DC)(DT)(DT)(DG)(DC)(DC)(DC)(DA)(DA)(DC)(DA)(DT)(DT)(DA)(DT)(DT)(DA)
(DC)(DT)(DT)(DT)(DT)(DT)
;
Cv
159 'polydeoxyribonucleotide'
;(DG)(DA)(DA)(DC)(DG)(DC)(DG)(DA)(DT)(DA)(DG)(DG)(DC)(DT)(DG)(DG)(DC)(DG)(DC)(DT)
(DA)(DT)(DT)(DA)(DG)(DG)(DA)(DA)(DC)(DC)(DG)(DA)(DA)(DT)(DT)(DC)(DG)(DC)(DC)(DT)
(DG)(DA)(DA)(DT)(DA)(DT)(DA)(DC)(DA)(DG)(DT)(DA)(DA)(DC)
;
Cw
160 'polydeoxyribonucleotide'
;(DA)(DA)(DT)(DT)(DT)(DC)(DA)(DA)(DC)(DA)(DG)(DT)(DT)(DT)(DC)(DT)(DT)(DT)(DT)(DT)
(DT)(DT)(DT)(DT)(DT)(DA)(DG)(DC)(DG)(DG)(DA)(DG)(DT)(DG)(DA)(DG)(DA)(DA)(DA)(DC)
(DA)(DA)(DC)(DA)(DA)(DC)
;
Cx
161 'polydeoxyribonucleotide'
;(DA)(DA)(DG)(DG)(DG)(DT)(DG)(DT)(DT)(DT)(DG)(DG)(DA)(DT)(DA)(DT)(DA)(DG)(DA)(DT)
(DA)(DA)(DA)(DT)(DT)(DT)(DA)(DC)(DG)(DA)(DG)(DC)(DA)(DT)(DG)(DT)(DT)(DT)(DT)(DT)
(DT)(DT)(DT)(DT)(DT)(DT)(DA)(DG)(DA)(DA)(DA)(DC)(DC)(DA)(DA)(DT)(DC)(DA)(DA)(DC)
(DG)(DG)(DG)(DT)(DA)(DT)
;
Cy
162 'polydeoxyribonucleotide'
;(DC)(DC)(DA)(DA)(DC)(DG)(DT)(DC)(DT)(DA)(DA)(DG)(DA)(DA)(DC)(DG)(DC)(DG)(DA)(DG)
(DG)(DC)(DA)(DA)(DC)(DT)(DA)(DA)(DT)(DA)(DA)(DC)(DT)(DC)(DC)(DA)(DA)(DC)(DG)(DC)
(DG)(DA)(DA)(DC)(DG)(DA)(DC)(DA)
;
Cz
#
loop_
_chem_comp.id
_chem_comp.type
_chem_comp.name
_chem_comp.formula
DA DNA linking 2'-DEOXYADENOSINE-5'-MONOPHOSPHATE 'C10 H14 N5 O6 P'
DC DNA linking 2'-DEOXYCYTIDINE-5'-MONOPHOSPHATE 'C9 H14 N3 O7 P'
DG DNA linking 2'-DEOXYGUANOSINE-5'-MONOPHOSPHATE 'C10 H14 N5 O7 P'
DT DNA linking THYMIDINE-5'-MONOPHOSPHATE 'C10 H15 N2 O8 P'
#